data_4P05
#
_entry.id   4P05
#
_cell.length_a   181.017
_cell.length_b   181.017
_cell.length_c   99.417
_cell.angle_alpha   90.00
_cell.angle_beta   90.00
_cell.angle_gamma   120.00
#
_symmetry.space_group_name_H-M   'P 32 1 2'
#
loop_
_entity.id
_entity.type
_entity.pdbx_description
1 polymer 'Arylsulfate sulfotransferase AssT'
2 non-polymer '4-nitrophenyl sulfate'
3 non-polymer 'SULFATE ION'
4 water water
#
_entity_poly.entity_id   1
_entity_poly.type   'polypeptide(L)'
_entity_poly.pdbx_seq_one_letter_code
;AGFKPAPPAGQLGAVIVDPYGNAPLTALVDLDSHVISDVKVTVHGKGEKGVEISYPVGQESLKTYDGVPIFGLYQKFANK
VTVEWKENGKVMKDDYVVHTSAIVNNYMDNRSISDLQQTKVIKVAPGFEDRLYLVNTHTFTAQGSDLHWHGEKDKNAGIL
DAGPATGALPFDIAPFTFIVDTEGEYRWWLDQDTFYDGRDRDINKRGYLMGIRETPRGTFTAVQGQHWYEFDMMGQVLED
HKLPRGFADATHESIETPNGTVLLRVGKSNYRRDDGVHVTTIRDHILEVDKSGRVVDVWDLTKILDPKRDALLGALDAGA
VCVNVDLAHAGQQAKLEPDTPFGDALGVGPGRNWAHVNSIAYDAKDDSIILSSRHQGVVKIGRDKQVKWILAPSKGWEKP
LASKLLKPVDANGKPITCNENGLCENSDFDFTYTQNTAWISSKGTLTIFDNGDGRHLEQPALPTMKYSRFVEYKIDEKKG
TVQQVWEYGKERGYDFYSPITSIIEYQADRNTMFGFGGSIHLFDVGQPTVGKLNEIDYKTKEVKVEIDVLSDKPNQTHYR
ALLVRPQQMFK
;
_entity_poly.pdbx_strand_id   A,B
#
loop_
_chem_comp.id
_chem_comp.type
_chem_comp.name
_chem_comp.formula
4NS non-polymer '4-nitrophenyl sulfate' 'C6 H5 N O6 S'
SO4 non-polymer 'SULFATE ION' 'O4 S -2'
#
# COMPACT_ATOMS: atom_id res chain seq x y z
CA ALA A 1 1.72 1.92 39.28
C ALA A 1 1.25 1.16 37.98
N GLY A 2 2.15 1.03 37.00
CA GLY A 2 1.89 0.21 35.82
C GLY A 2 2.65 -1.13 35.80
N PHE A 3 2.71 -1.77 34.63
CA PHE A 3 3.22 -3.11 34.47
C PHE A 3 4.36 -3.15 33.51
N LYS A 4 5.35 -3.95 33.86
CA LYS A 4 6.57 -4.03 33.09
C LYS A 4 6.31 -4.81 31.86
N PRO A 5 7.09 -4.58 30.82
CA PRO A 5 7.05 -5.44 29.61
C PRO A 5 7.76 -6.73 29.86
N ALA A 6 7.61 -7.67 28.95
CA ALA A 6 8.15 -9.00 29.17
C ALA A 6 9.64 -8.83 29.26
N PRO A 7 10.28 -9.52 30.20
CA PRO A 7 11.72 -9.48 30.28
C PRO A 7 12.36 -10.28 29.17
N PRO A 8 13.64 -10.05 28.96
CA PRO A 8 14.38 -10.81 27.93
C PRO A 8 14.41 -12.34 28.25
N ALA A 9 14.23 -13.24 27.27
CA ALA A 9 14.12 -14.65 27.57
C ALA A 9 15.49 -15.32 27.61
N GLY A 10 16.40 -14.88 26.74
CA GLY A 10 17.71 -15.38 26.72
C GLY A 10 18.72 -14.29 26.42
N GLN A 11 19.40 -14.37 25.32
CA GLN A 11 20.45 -13.41 25.08
C GLN A 11 20.04 -12.26 24.12
N LEU A 12 18.76 -12.25 23.71
CA LEU A 12 18.20 -11.16 22.97
C LEU A 12 17.08 -10.60 23.78
N GLY A 13 15.94 -10.33 23.17
CA GLY A 13 14.83 -9.77 23.92
C GLY A 13 13.75 -10.72 24.29
N ALA A 14 12.55 -10.17 24.66
CA ALA A 14 11.45 -11.07 25.01
C ALA A 14 11.02 -11.89 23.79
N VAL A 15 10.29 -12.97 24.07
CA VAL A 15 9.71 -13.84 23.03
C VAL A 15 8.18 -13.70 23.07
N ILE A 16 7.63 -13.03 22.05
CA ILE A 16 6.23 -12.56 22.03
C ILE A 16 5.45 -13.48 21.14
N VAL A 17 4.40 -14.08 21.67
CA VAL A 17 3.56 -14.89 20.86
C VAL A 17 2.57 -14.05 20.05
N ASP A 18 2.54 -14.28 18.72
CA ASP A 18 1.48 -13.67 17.89
C ASP A 18 1.49 -12.13 18.00
N PRO A 19 2.64 -11.52 17.73
CA PRO A 19 2.87 -10.13 17.95
C PRO A 19 1.86 -9.25 17.17
N TYR A 20 1.54 -9.60 15.92
CA TYR A 20 0.52 -8.83 15.18
C TYR A 20 -0.89 -9.18 15.52
N GLY A 21 -1.14 -10.18 16.34
CA GLY A 21 -2.52 -10.57 16.73
C GLY A 21 -3.32 -11.41 15.70
N ASN A 22 -2.81 -11.71 14.54
CA ASN A 22 -3.49 -12.47 13.51
C ASN A 22 -2.96 -13.92 13.28
N ALA A 23 -1.84 -14.31 13.87
CA ALA A 23 -1.23 -15.59 13.64
C ALA A 23 -0.81 -16.22 14.92
N PRO A 24 -1.74 -16.96 15.57
CA PRO A 24 -1.49 -17.49 16.95
C PRO A 24 -0.39 -18.57 17.06
N LEU A 25 0.09 -19.09 15.94
CA LEU A 25 1.20 -20.11 15.98
C LEU A 25 2.50 -19.53 15.49
N THR A 26 2.64 -18.23 15.74
CA THR A 26 3.92 -17.58 15.44
C THR A 26 4.35 -16.88 16.68
N ALA A 27 5.60 -16.43 16.68
CA ALA A 27 6.12 -15.66 17.77
C ALA A 27 7.20 -14.82 17.21
N LEU A 28 7.73 -13.96 18.04
CA LEU A 28 8.77 -13.06 17.61
C LEU A 28 9.79 -12.91 18.71
N VAL A 29 11.07 -13.11 18.39
CA VAL A 29 12.14 -12.83 19.39
C VAL A 29 12.56 -11.39 19.24
N ASP A 30 12.23 -10.56 20.22
CA ASP A 30 12.54 -9.14 20.14
C ASP A 30 14.04 -8.89 20.11
N LEU A 31 14.47 -8.02 19.20
CA LEU A 31 15.91 -7.68 19.06
C LEU A 31 16.54 -7.00 20.26
N ASP A 32 15.75 -6.23 21.02
CA ASP A 32 16.25 -5.44 22.18
C ASP A 32 17.56 -4.77 21.83
N SER A 33 17.61 -4.19 20.66
CA SER A 33 18.76 -3.33 20.20
C SER A 33 20.02 -4.07 19.89
N HIS A 34 20.00 -5.40 19.91
CA HIS A 34 21.18 -6.17 19.50
C HIS A 34 21.29 -6.09 18.03
N VAL A 35 22.52 -6.06 17.53
CA VAL A 35 22.80 -6.09 16.11
C VAL A 35 23.28 -7.49 15.74
N ILE A 36 22.57 -8.15 14.84
CA ILE A 36 22.81 -9.55 14.57
C ILE A 36 22.72 -9.80 13.12
N SER A 37 23.28 -10.92 12.72
CA SER A 37 23.24 -11.39 11.33
C SER A 37 23.30 -12.94 11.31
N ASP A 38 23.32 -13.51 10.14
CA ASP A 38 23.34 -14.97 9.98
CA ASP A 38 23.31 -14.97 9.94
C ASP A 38 22.29 -15.68 10.81
N VAL A 39 21.05 -15.20 10.76
CA VAL A 39 20.07 -15.72 11.70
C VAL A 39 19.49 -17.01 11.13
N LYS A 40 19.15 -17.96 11.97
CA LYS A 40 18.55 -19.19 11.52
C LYS A 40 17.62 -19.66 12.63
N VAL A 41 16.47 -20.20 12.25
CA VAL A 41 15.50 -20.61 13.27
C VAL A 41 15.13 -22.04 13.03
N THR A 42 14.93 -22.76 14.09
CA THR A 42 14.53 -24.20 13.97
C THR A 42 13.42 -24.46 14.96
N VAL A 43 12.28 -24.95 14.50
CA VAL A 43 11.22 -25.35 15.42
C VAL A 43 11.19 -26.86 15.35
N HIS A 44 11.35 -27.47 16.52
CA HIS A 44 11.55 -28.93 16.61
C HIS A 44 10.23 -29.67 16.51
N GLY A 45 10.32 -30.87 15.95
CA GLY A 45 9.21 -31.73 15.80
C GLY A 45 8.64 -32.07 17.12
N LYS A 46 7.34 -32.24 17.18
CA LYS A 46 6.66 -32.76 18.36
C LYS A 46 6.60 -34.28 18.21
N GLY A 47 7.05 -34.95 19.25
CA GLY A 47 7.15 -36.39 19.25
C GLY A 47 8.11 -36.97 18.20
N GLU A 48 8.08 -38.29 18.18
CA GLU A 48 9.08 -39.14 17.49
C GLU A 48 9.02 -38.85 16.00
N LYS A 49 7.83 -38.70 15.45
CA LYS A 49 7.66 -38.47 14.03
C LYS A 49 7.43 -36.98 13.61
N GLY A 50 7.51 -36.07 14.58
CA GLY A 50 7.28 -34.64 14.35
C GLY A 50 8.16 -34.08 13.23
N VAL A 51 7.58 -33.24 12.40
CA VAL A 51 8.32 -32.59 11.39
C VAL A 51 9.02 -31.31 11.91
N GLU A 52 10.31 -31.22 11.69
CA GLU A 52 11.06 -30.06 12.10
C GLU A 52 10.93 -28.97 11.09
N ILE A 53 10.83 -27.73 11.54
CA ILE A 53 10.72 -26.60 10.60
C ILE A 53 11.91 -25.69 10.82
N SER A 54 12.65 -25.41 9.78
CA SER A 54 13.90 -24.66 9.91
C SER A 54 14.07 -23.71 8.75
N TYR A 55 14.57 -22.50 8.99
CA TYR A 55 14.71 -21.46 7.94
C TYR A 55 15.68 -20.36 8.33
N PRO A 56 16.35 -19.72 7.34
CA PRO A 56 17.15 -18.52 7.55
C PRO A 56 16.24 -17.31 7.58
N VAL A 57 16.61 -16.30 8.35
CA VAL A 57 15.91 -15.02 8.35
C VAL A 57 16.78 -13.87 7.83
N GLY A 58 16.35 -13.19 6.77
CA GLY A 58 17.06 -12.03 6.21
C GLY A 58 17.01 -10.72 7.00
N GLN A 59 17.90 -9.81 6.62
CA GLN A 59 18.02 -8.51 7.31
C GLN A 59 16.76 -7.64 7.22
N GLU A 60 16.22 -7.55 6.01
CA GLU A 60 14.94 -6.85 5.84
C GLU A 60 13.86 -7.32 6.85
N SER A 61 13.80 -8.64 7.09
CA SER A 61 12.84 -9.19 8.05
C SER A 61 13.20 -8.76 9.46
N LEU A 62 14.45 -8.85 9.85
CA LEU A 62 14.83 -8.49 11.18
C LEU A 62 14.49 -7.06 11.44
N LYS A 63 14.84 -6.23 10.45
CA LYS A 63 14.49 -4.82 10.51
C LYS A 63 12.93 -4.53 10.58
N THR A 64 12.15 -5.21 9.75
CA THR A 64 10.69 -4.94 9.69
C THR A 64 10.03 -5.40 10.96
N TYR A 65 10.45 -6.55 11.51
CA TYR A 65 9.82 -7.03 12.77
C TYR A 65 10.48 -6.55 14.03
N ASP A 66 11.63 -5.88 13.90
CA ASP A 66 12.49 -5.57 15.01
C ASP A 66 12.70 -6.83 15.91
N GLY A 67 13.06 -7.94 15.29
CA GLY A 67 13.07 -9.22 15.96
C GLY A 67 13.15 -10.40 15.00
N VAL A 68 13.34 -11.59 15.58
CA VAL A 68 13.40 -12.82 14.80
C VAL A 68 12.04 -13.47 14.75
N PRO A 69 11.51 -13.66 13.54
CA PRO A 69 10.23 -14.20 13.46
C PRO A 69 10.28 -15.73 13.65
N ILE A 70 9.43 -16.26 14.50
CA ILE A 70 9.34 -17.69 14.73
C ILE A 70 8.04 -18.29 14.13
N PHE A 71 8.20 -19.01 13.06
CA PHE A 71 7.13 -19.65 12.30
C PHE A 71 7.18 -21.20 12.49
N GLY A 72 6.02 -21.81 12.69
CA GLY A 72 5.89 -23.27 12.51
C GLY A 72 5.50 -23.96 13.78
N LEU A 73 4.94 -23.22 14.70
CA LEU A 73 4.62 -23.77 16.01
C LEU A 73 3.31 -24.62 15.95
N TYR A 74 3.17 -25.48 16.95
CA TYR A 74 2.03 -26.33 17.09
C TYR A 74 1.13 -25.64 18.05
N GLN A 75 -0.15 -25.87 17.89
CA GLN A 75 -1.09 -25.26 18.84
C GLN A 75 -1.04 -25.89 20.20
N LYS A 76 -1.43 -25.13 21.24
CA LYS A 76 -1.54 -25.62 22.60
C LYS A 76 -0.39 -26.54 23.02
N PHE A 77 0.83 -26.10 22.84
CA PHE A 77 2.00 -26.91 23.03
C PHE A 77 3.18 -26.13 23.57
N ALA A 78 4.10 -26.84 24.20
CA ALA A 78 5.35 -26.24 24.67
C ALA A 78 6.39 -26.43 23.58
N ASN A 79 6.38 -25.54 22.62
CA ASN A 79 7.24 -25.69 21.42
C ASN A 79 8.69 -25.48 21.80
N LYS A 80 9.58 -26.20 21.13
CA LYS A 80 10.99 -26.09 21.48
C LYS A 80 11.59 -25.46 20.25
N VAL A 81 12.23 -24.32 20.44
CA VAL A 81 12.64 -23.50 19.34
C VAL A 81 14.12 -23.19 19.52
N THR A 82 14.87 -23.29 18.44
CA THR A 82 16.29 -22.86 18.50
C THR A 82 16.57 -21.70 17.54
N VAL A 83 17.22 -20.69 18.08
CA VAL A 83 17.63 -19.54 17.28
C VAL A 83 19.15 -19.35 17.32
N GLU A 84 19.77 -19.30 16.17
CA GLU A 84 21.18 -19.20 16.07
C GLU A 84 21.41 -17.95 15.27
N TRP A 85 22.43 -17.19 15.68
CA TRP A 85 22.84 -16.02 15.01
C TRP A 85 24.30 -15.71 15.26
N LYS A 86 24.76 -14.61 14.67
CA LYS A 86 26.08 -14.10 14.89
C LYS A 86 26.01 -12.69 15.39
N GLU A 87 26.84 -12.34 16.38
CA GLU A 87 26.89 -11.01 16.97
C GLU A 87 28.29 -10.73 17.45
N ASN A 88 28.78 -9.54 17.11
CA ASN A 88 30.16 -9.15 17.38
C ASN A 88 31.13 -10.21 16.98
N GLY A 89 30.99 -10.71 15.76
CA GLY A 89 31.81 -11.80 15.24
C GLY A 89 31.73 -13.16 15.91
N LYS A 90 30.93 -13.28 16.96
CA LYS A 90 30.85 -14.49 17.76
C LYS A 90 29.57 -15.31 17.42
N VAL A 91 29.68 -16.62 17.27
CA VAL A 91 28.52 -17.46 17.03
C VAL A 91 27.67 -17.61 18.26
N MET A 92 26.35 -17.44 18.09
CA MET A 92 25.40 -17.34 19.20
C MET A 92 24.22 -18.30 19.06
N LYS A 93 23.65 -18.72 20.20
CA LYS A 93 22.51 -19.64 20.16
C LYS A 93 21.66 -19.55 21.41
N ASP A 94 20.33 -19.65 21.24
CA ASP A 94 19.45 -19.73 22.38
C ASP A 94 18.44 -20.81 22.07
N ASP A 95 17.92 -21.38 23.16
CA ASP A 95 16.86 -22.33 23.10
C ASP A 95 15.71 -21.75 23.86
N TYR A 96 14.55 -21.78 23.24
CA TYR A 96 13.35 -21.28 23.92
C TYR A 96 12.28 -22.32 23.97
N VAL A 97 11.45 -22.22 24.99
CA VAL A 97 10.22 -22.98 25.07
C VAL A 97 9.07 -21.94 24.88
N VAL A 98 8.42 -22.03 23.73
CA VAL A 98 7.40 -21.09 23.30
C VAL A 98 6.03 -21.78 23.43
N HIS A 99 5.34 -21.49 24.53
CA HIS A 99 3.96 -21.97 24.71
C HIS A 99 3.02 -21.24 23.83
N THR A 100 2.07 -21.97 23.24
CA THR A 100 1.08 -21.40 22.37
C THR A 100 -0.31 -21.67 22.89
N SER A 101 -1.30 -20.93 22.39
CA SER A 101 -2.69 -21.20 22.72
C SER A 101 -3.34 -22.03 21.61
N ALA A 102 -4.65 -22.14 21.64
CA ALA A 102 -5.41 -22.96 20.77
C ALA A 102 -5.87 -22.17 19.55
N ILE A 103 -6.09 -22.86 18.42
CA ILE A 103 -6.77 -22.40 17.21
C ILE A 103 -8.27 -22.37 17.41
N VAL A 104 -8.95 -21.28 17.01
CA VAL A 104 -10.41 -21.16 17.22
C VAL A 104 -11.18 -21.04 15.95
N ASN A 105 -12.27 -21.82 15.80
CA ASN A 105 -13.21 -21.68 14.72
C ASN A 105 -14.42 -20.95 15.25
N ASN A 106 -14.59 -19.69 14.80
CA ASN A 106 -15.65 -18.79 15.30
C ASN A 106 -16.99 -18.94 14.58
N TYR A 107 -17.04 -19.87 13.66
CA TYR A 107 -18.21 -20.13 12.84
C TYR A 107 -18.67 -21.60 12.95
N MET A 108 -19.43 -21.90 13.98
CA MET A 108 -19.95 -23.22 14.16
C MET A 108 -21.45 -23.23 14.42
N ASP A 109 -22.09 -24.29 13.92
CA ASP A 109 -23.48 -24.47 14.10
C ASP A 109 -23.80 -25.98 14.10
N ASN A 110 -25.07 -26.32 14.04
CA ASN A 110 -25.53 -27.71 14.06
C ASN A 110 -25.04 -28.53 12.90
N ARG A 111 -24.50 -27.91 11.89
CA ARG A 111 -23.96 -28.67 10.83
C ARG A 111 -22.49 -29.10 11.13
N SER A 112 -21.85 -28.45 12.07
CA SER A 112 -20.44 -28.64 12.33
C SER A 112 -20.26 -30.13 12.77
N ILE A 113 -19.36 -30.82 12.07
CA ILE A 113 -18.87 -32.15 12.42
C ILE A 113 -17.98 -32.07 13.66
N SER A 114 -16.95 -31.21 13.64
CA SER A 114 -16.31 -30.71 14.89
C SER A 114 -15.74 -29.32 14.56
N ASP A 115 -14.92 -28.73 15.46
CA ASP A 115 -14.44 -27.34 15.25
C ASP A 115 -13.45 -27.20 14.12
N LEU A 116 -12.46 -28.07 14.02
CA LEU A 116 -11.44 -27.95 12.99
C LEU A 116 -11.63 -28.98 11.86
N GLN A 117 -11.03 -28.72 10.74
CA GLN A 117 -11.05 -29.61 9.66
C GLN A 117 -10.04 -30.76 9.83
N GLN A 118 -10.50 -31.98 9.57
CA GLN A 118 -9.69 -33.17 9.79
C GLN A 118 -8.71 -33.40 8.67
N THR A 119 -7.52 -33.87 9.04
CA THR A 119 -6.55 -34.26 8.04
C THR A 119 -6.32 -35.78 8.10
N LYS A 120 -6.01 -36.40 6.97
CA LYS A 120 -5.66 -37.80 6.91
C LYS A 120 -4.49 -37.93 5.97
N VAL A 121 -3.37 -38.36 6.52
CA VAL A 121 -2.20 -38.61 5.73
C VAL A 121 -2.35 -39.95 5.05
N ILE A 122 -2.27 -39.96 3.74
CA ILE A 122 -2.43 -41.17 2.94
C ILE A 122 -1.09 -41.76 2.43
N LYS A 123 -0.16 -40.92 2.05
CA LYS A 123 1.11 -41.34 1.51
C LYS A 123 2.09 -40.17 1.63
N VAL A 124 3.28 -40.47 2.14
CA VAL A 124 4.39 -39.55 2.14
C VAL A 124 5.66 -40.33 1.75
N ALA A 125 6.09 -40.22 0.53
CA ALA A 125 7.35 -40.85 0.12
C ALA A 125 8.57 -40.30 0.82
N PRO A 126 9.63 -41.13 0.90
CA PRO A 126 10.90 -40.63 1.45
C PRO A 126 11.38 -39.43 0.66
N GLY A 127 11.87 -38.43 1.39
CA GLY A 127 12.42 -37.21 0.78
C GLY A 127 11.41 -36.07 0.74
N PHE A 128 10.18 -36.32 1.22
CA PHE A 128 9.12 -35.39 1.13
C PHE A 128 8.48 -35.16 2.48
N GLU A 129 9.15 -35.57 3.53
CA GLU A 129 8.61 -35.39 4.90
C GLU A 129 8.55 -33.90 5.30
N ASP A 130 9.38 -33.06 4.69
CA ASP A 130 9.53 -31.65 5.11
C ASP A 130 8.45 -30.68 4.53
N ARG A 131 7.72 -31.11 3.49
CA ARG A 131 6.84 -30.28 2.73
C ARG A 131 5.72 -29.66 3.60
N LEU A 132 5.42 -28.39 3.30
CA LEU A 132 4.34 -27.65 4.00
C LEU A 132 3.36 -27.10 2.98
N TYR A 133 2.09 -27.17 3.31
CA TYR A 133 1.04 -26.83 2.40
C TYR A 133 0.07 -25.88 3.11
N LEU A 134 -0.20 -24.76 2.45
CA LEU A 134 -1.09 -23.73 3.01
C LEU A 134 -2.37 -24.04 2.40
N VAL A 135 -3.39 -24.22 3.19
CA VAL A 135 -4.66 -24.55 2.62
C VAL A 135 -5.63 -23.37 2.79
N ASN A 136 -6.21 -23.01 1.68
CA ASN A 136 -7.12 -21.86 1.54
C ASN A 136 -8.51 -22.43 1.44
N THR A 137 -9.13 -22.64 2.62
CA THR A 137 -10.46 -23.17 2.71
C THR A 137 -11.36 -22.33 3.61
N HIS A 138 -12.60 -22.75 3.78
CA HIS A 138 -13.61 -21.91 4.30
C HIS A 138 -14.59 -22.71 5.08
N THR A 139 -15.45 -22.02 5.81
CA THR A 139 -16.43 -22.65 6.61
C THR A 139 -17.74 -21.81 6.58
N PHE A 140 -18.88 -22.47 6.39
CA PHE A 140 -20.17 -21.78 6.29
C PHE A 140 -20.45 -20.96 7.53
N THR A 141 -21.10 -19.80 7.33
CA THR A 141 -21.65 -18.96 8.51
C THR A 141 -23.01 -19.43 8.80
N ALA A 142 -23.45 -19.22 10.04
CA ALA A 142 -24.74 -19.64 10.41
C ALA A 142 -25.86 -19.03 9.56
N GLN A 143 -25.74 -17.78 9.16
CA GLN A 143 -26.82 -17.12 8.36
C GLN A 143 -26.75 -17.37 6.88
N GLY A 144 -25.62 -17.83 6.37
CA GLY A 144 -25.52 -17.88 4.95
C GLY A 144 -25.58 -16.48 4.37
N SER A 145 -25.74 -16.38 3.06
CA SER A 145 -25.77 -15.13 2.31
C SER A 145 -26.85 -14.21 2.83
N ASP A 146 -26.49 -13.05 3.37
CA ASP A 146 -27.51 -12.20 3.98
C ASP A 146 -27.60 -10.84 3.24
N LEU A 147 -26.68 -10.54 2.27
CA LEU A 147 -26.69 -9.23 1.58
C LEU A 147 -26.56 -9.30 0.03
N HIS A 148 -27.23 -8.36 -0.67
CA HIS A 148 -27.23 -8.23 -2.10
C HIS A 148 -26.87 -6.78 -2.45
N TRP A 149 -26.17 -6.59 -3.59
CA TRP A 149 -26.15 -5.29 -4.25
C TRP A 149 -27.57 -4.96 -4.86
N HIS A 150 -28.01 -3.71 -4.70
CA HIS A 150 -29.26 -3.20 -5.28
C HIS A 150 -29.01 -2.83 -6.72
N GLY A 151 -29.90 -3.26 -7.58
CA GLY A 151 -29.68 -3.10 -9.02
C GLY A 151 -30.71 -2.07 -9.54
N GLU A 152 -30.87 -2.00 -10.84
CA GLU A 152 -31.85 -1.12 -11.51
C GLU A 152 -33.05 -1.93 -12.04
N LYS A 153 -34.24 -1.40 -11.78
CA LYS A 153 -35.52 -2.00 -12.31
C LYS A 153 -35.51 -2.16 -13.85
N ASP A 154 -35.91 -3.33 -14.34
CA ASP A 154 -35.76 -3.61 -15.78
C ASP A 154 -37.07 -3.27 -16.44
N LYS A 155 -37.02 -3.26 -17.78
CA LYS A 155 -38.12 -2.73 -18.61
C LYS A 155 -39.48 -3.37 -18.31
N ASN A 156 -39.46 -4.64 -17.93
CA ASN A 156 -40.68 -5.41 -17.82
C ASN A 156 -41.01 -5.89 -16.43
N ALA A 157 -40.55 -5.13 -15.45
CA ALA A 157 -40.77 -5.46 -14.05
C ALA A 157 -42.18 -5.03 -13.69
N GLY A 158 -42.69 -5.54 -12.57
CA GLY A 158 -43.97 -5.04 -12.03
C GLY A 158 -43.89 -3.57 -11.67
N ILE A 159 -44.99 -2.87 -11.83
CA ILE A 159 -45.02 -1.45 -11.52
C ILE A 159 -44.78 -1.26 -10.04
N LEU A 160 -45.40 -2.10 -9.19
CA LEU A 160 -45.29 -2.03 -7.73
C LEU A 160 -44.00 -2.65 -7.12
N ASP A 161 -43.31 -3.44 -7.92
CA ASP A 161 -42.20 -4.28 -7.45
C ASP A 161 -41.01 -3.47 -6.94
N ALA A 162 -40.44 -3.92 -5.83
CA ALA A 162 -39.19 -3.34 -5.32
C ALA A 162 -38.06 -3.57 -6.38
N GLY A 163 -36.97 -2.79 -6.30
CA GLY A 163 -35.87 -2.96 -7.28
C GLY A 163 -35.25 -4.36 -7.10
N PRO A 164 -34.63 -4.86 -8.14
CA PRO A 164 -33.96 -6.12 -8.09
C PRO A 164 -32.55 -5.99 -7.52
N ALA A 165 -31.94 -7.15 -7.34
CA ALA A 165 -30.53 -7.30 -6.98
C ALA A 165 -29.66 -7.38 -8.24
N THR A 166 -28.38 -7.25 -8.05
CA THR A 166 -27.43 -7.37 -9.11
C THR A 166 -26.15 -7.83 -8.48
N GLY A 167 -25.18 -8.18 -9.35
CA GLY A 167 -23.83 -8.59 -8.93
C GLY A 167 -23.74 -9.85 -8.05
N ALA A 168 -22.70 -9.95 -7.22
CA ALA A 168 -22.39 -11.19 -6.52
C ALA A 168 -22.06 -10.98 -5.05
N LEU A 169 -22.80 -10.11 -4.36
CA LEU A 169 -22.48 -9.85 -2.94
C LEU A 169 -22.64 -11.10 -2.05
N PRO A 170 -23.62 -11.95 -2.38
CA PRO A 170 -23.87 -13.16 -1.57
C PRO A 170 -22.76 -14.25 -1.57
N PHE A 171 -21.76 -14.11 -2.43
CA PHE A 171 -20.61 -14.95 -2.47
C PHE A 171 -19.66 -14.61 -1.33
N ASP A 172 -20.04 -15.10 -0.14
CA ASP A 172 -19.53 -14.60 1.09
C ASP A 172 -19.48 -15.79 2.05
N ILE A 173 -18.34 -16.03 2.70
CA ILE A 173 -18.14 -17.16 3.59
C ILE A 173 -16.90 -16.99 4.48
N ALA A 174 -16.98 -17.54 5.72
CA ALA A 174 -15.85 -17.37 6.65
C ALA A 174 -14.63 -18.16 6.16
N PRO A 175 -13.46 -17.61 6.36
CA PRO A 175 -12.25 -18.29 5.94
C PRO A 175 -11.75 -19.37 6.97
N PHE A 176 -10.99 -20.36 6.50
CA PHE A 176 -10.41 -21.41 7.37
C PHE A 176 -9.03 -21.66 6.78
N THR A 177 -8.04 -21.06 7.37
CA THR A 177 -6.75 -20.85 6.61
C THR A 177 -5.61 -21.37 7.46
N PHE A 178 -4.92 -22.39 6.98
CA PHE A 178 -3.95 -23.10 7.83
C PHE A 178 -2.90 -23.72 7.01
N ILE A 179 -1.76 -23.96 7.64
CA ILE A 179 -0.68 -24.72 6.98
C ILE A 179 -0.62 -26.10 7.69
N VAL A 180 -0.56 -27.14 6.87
CA VAL A 180 -0.53 -28.55 7.35
C VAL A 180 0.83 -29.13 6.98
N ASP A 181 1.48 -29.85 7.91
CA ASP A 181 2.71 -30.63 7.56
C ASP A 181 2.37 -32.14 7.16
N THR A 182 3.40 -32.90 6.86
CA THR A 182 3.21 -34.26 6.39
C THR A 182 2.83 -35.26 7.45
N GLU A 183 2.83 -34.89 8.71
CA GLU A 183 2.15 -35.67 9.78
C GLU A 183 0.74 -35.23 9.98
N GLY A 184 0.27 -34.27 9.15
CA GLY A 184 -1.12 -33.83 9.22
C GLY A 184 -1.38 -32.82 10.33
N GLU A 185 -0.33 -32.26 10.89
CA GLU A 185 -0.53 -31.29 11.96
C GLU A 185 -0.65 -29.85 11.39
N TYR A 186 -1.51 -29.05 12.02
CA TYR A 186 -1.56 -27.61 11.76
C TYR A 186 -0.27 -26.96 12.31
N ARG A 187 0.48 -26.34 11.43
CA ARG A 187 1.69 -25.61 11.82
C ARG A 187 1.62 -24.05 11.69
N TRP A 188 0.46 -23.54 11.32
CA TRP A 188 0.20 -22.10 11.09
C TRP A 188 -1.34 -21.95 10.94
N TRP A 189 -1.86 -20.90 11.57
CA TRP A 189 -3.26 -20.51 11.49
C TRP A 189 -3.41 -19.00 11.23
N LEU A 190 -4.25 -18.63 10.26
CA LEU A 190 -4.59 -17.18 10.10
C LEU A 190 -5.91 -16.94 10.78
N ASP A 191 -5.86 -16.17 11.84
CA ASP A 191 -7.08 -15.82 12.61
C ASP A 191 -8.24 -15.41 11.64
N GLN A 192 -9.41 -15.99 11.84
CA GLN A 192 -10.51 -15.67 10.96
C GLN A 192 -10.88 -14.11 10.99
N ASP A 193 -10.65 -13.43 12.10
CA ASP A 193 -10.90 -12.00 12.29
C ASP A 193 -9.90 -11.15 11.57
N THR A 194 -8.88 -11.76 10.99
CA THR A 194 -7.89 -10.99 10.27
C THR A 194 -8.54 -10.18 9.15
N PHE A 195 -9.34 -10.82 8.32
CA PHE A 195 -10.02 -10.14 7.25
C PHE A 195 -11.50 -10.17 7.35
N TYR A 196 -12.07 -11.09 8.17
CA TYR A 196 -13.46 -11.38 8.02
C TYR A 196 -14.24 -11.13 9.35
N ASP A 197 -15.47 -10.73 9.22
CA ASP A 197 -16.36 -10.58 10.34
C ASP A 197 -17.79 -10.88 9.81
N GLY A 198 -18.21 -12.12 9.98
CA GLY A 198 -19.48 -12.57 9.48
C GLY A 198 -20.68 -12.24 10.33
N ARG A 199 -20.44 -11.83 11.55
CA ARG A 199 -21.57 -11.38 12.43
C ARG A 199 -21.91 -9.83 12.36
N ASP A 200 -20.96 -9.01 12.04
CA ASP A 200 -21.18 -7.64 11.77
C ASP A 200 -21.63 -7.47 10.31
N ARG A 201 -22.21 -6.31 9.99
CA ARG A 201 -22.63 -6.04 8.64
C ARG A 201 -21.79 -4.93 7.99
N ASP A 202 -20.50 -5.03 8.18
CA ASP A 202 -19.64 -4.15 7.54
C ASP A 202 -19.06 -4.91 6.31
N ILE A 203 -19.51 -4.51 5.15
CA ILE A 203 -19.14 -5.16 3.91
C ILE A 203 -17.67 -5.12 3.65
N ASN A 204 -16.98 -4.23 4.32
CA ASN A 204 -15.56 -4.19 4.24
C ASN A 204 -14.91 -5.46 4.76
N LYS A 205 -15.61 -6.14 5.64
CA LYS A 205 -15.08 -7.37 6.21
C LYS A 205 -15.93 -8.58 5.76
N ARG A 206 -16.48 -8.51 4.58
CA ARG A 206 -17.19 -9.61 4.04
C ARG A 206 -16.58 -10.04 2.70
N GLY A 207 -16.94 -11.26 2.25
CA GLY A 207 -16.52 -11.79 0.98
C GLY A 207 -15.96 -13.18 1.06
N TYR A 208 -15.14 -13.56 0.07
CA TYR A 208 -14.67 -14.91 -0.03
C TYR A 208 -13.16 -14.87 -0.17
N LEU A 209 -12.47 -15.11 0.92
CA LEU A 209 -11.02 -14.93 0.87
C LEU A 209 -10.36 -15.97 -0.07
N MET A 210 -9.75 -15.51 -1.16
CA MET A 210 -9.28 -16.33 -2.22
C MET A 210 -8.11 -15.67 -2.89
N GLY A 211 -7.50 -16.43 -3.79
CA GLY A 211 -6.45 -15.92 -4.63
C GLY A 211 -5.23 -15.66 -3.83
N ILE A 212 -4.94 -16.51 -2.84
CA ILE A 212 -3.72 -16.46 -2.07
C ILE A 212 -2.55 -16.85 -2.94
N ARG A 213 -1.74 -15.87 -3.30
CA ARG A 213 -0.51 -16.10 -4.14
C ARG A 213 0.73 -15.44 -3.62
N GLU A 214 1.87 -16.15 -3.76
CA GLU A 214 3.09 -15.62 -3.27
C GLU A 214 3.56 -14.43 -4.04
N THR A 215 4.21 -13.51 -3.35
CA THR A 215 4.84 -12.35 -4.05
C THR A 215 6.35 -12.57 -4.13
N PRO A 216 7.05 -11.70 -4.89
CA PRO A 216 8.51 -11.73 -4.93
C PRO A 216 9.18 -11.43 -3.61
N ARG A 217 8.45 -11.01 -2.60
CA ARG A 217 9.08 -10.79 -1.33
C ARG A 217 8.92 -11.93 -0.33
N GLY A 218 8.31 -13.02 -0.76
CA GLY A 218 7.94 -14.07 0.18
C GLY A 218 6.64 -13.80 0.95
N THR A 219 5.93 -12.74 0.56
CA THR A 219 4.65 -12.43 1.19
C THR A 219 3.56 -12.87 0.28
N PHE A 220 2.31 -12.62 0.71
CA PHE A 220 1.18 -13.10 -0.08
C PHE A 220 0.09 -12.06 -0.42
N THR A 221 -0.48 -12.11 -1.62
CA THR A 221 -1.64 -11.33 -1.96
C THR A 221 -2.88 -12.16 -1.85
N ALA A 222 -4.00 -11.50 -1.60
CA ALA A 222 -5.31 -12.13 -1.53
C ALA A 222 -6.38 -11.12 -1.83
N VAL A 223 -7.56 -11.60 -2.13
CA VAL A 223 -8.80 -10.80 -2.30
C VAL A 223 -9.89 -11.27 -1.36
N GLN A 224 -10.74 -10.35 -0.97
CA GLN A 224 -11.93 -10.67 -0.24
C GLN A 224 -12.98 -9.52 -0.43
N GLY A 225 -13.95 -9.83 -1.28
CA GLY A 225 -15.13 -9.01 -1.45
C GLY A 225 -14.68 -7.79 -2.24
N GLN A 226 -14.69 -6.65 -1.55
CA GLN A 226 -14.39 -5.37 -2.19
C GLN A 226 -13.00 -4.84 -1.80
N HIS A 227 -12.15 -5.71 -1.24
CA HIS A 227 -10.79 -5.34 -0.95
C HIS A 227 -9.82 -6.34 -1.51
N TRP A 228 -8.59 -5.88 -1.66
CA TRP A 228 -7.46 -6.70 -1.88
C TRP A 228 -6.32 -6.43 -0.87
N TYR A 229 -5.57 -7.48 -0.54
CA TYR A 229 -4.66 -7.45 0.56
C TYR A 229 -3.26 -8.01 0.21
N GLU A 230 -2.30 -7.71 1.07
CA GLU A 230 -1.00 -8.37 1.13
C GLU A 230 -0.78 -8.68 2.57
N PHE A 231 -0.28 -9.89 2.88
CA PHE A 231 0.06 -10.25 4.24
C PHE A 231 1.28 -11.16 4.26
N ASP A 232 1.88 -11.37 5.43
CA ASP A 232 3.04 -12.16 5.54
C ASP A 232 2.80 -13.22 6.57
N MET A 233 3.79 -14.08 6.76
CA MET A 233 3.57 -15.26 7.67
C MET A 233 3.57 -14.95 9.16
N MET A 234 3.88 -13.72 9.54
CA MET A 234 3.71 -13.38 10.93
C MET A 234 2.28 -12.83 11.18
N GLY A 235 1.46 -12.78 10.12
CA GLY A 235 0.11 -12.36 10.25
C GLY A 235 0.02 -10.83 10.17
N GLN A 236 1.07 -10.23 9.63
CA GLN A 236 1.04 -8.81 9.43
C GLN A 236 0.27 -8.51 8.18
N VAL A 237 -0.75 -7.65 8.29
CA VAL A 237 -1.44 -7.11 7.05
C VAL A 237 -0.62 -5.98 6.50
N LEU A 238 0.05 -6.18 5.35
CA LEU A 238 0.91 -5.18 4.82
C LEU A 238 0.18 -4.21 3.92
N GLU A 239 -0.86 -4.66 3.23
CA GLU A 239 -1.68 -3.84 2.37
C GLU A 239 -3.09 -4.24 2.55
N ASP A 240 -3.96 -3.26 2.59
CA ASP A 240 -5.34 -3.42 2.51
C ASP A 240 -5.87 -2.25 1.63
N HIS A 241 -6.37 -2.55 0.47
CA HIS A 241 -6.89 -1.59 -0.46
C HIS A 241 -8.33 -1.86 -0.79
N LYS A 242 -9.15 -0.81 -0.76
CA LYS A 242 -10.45 -0.84 -1.44
C LYS A 242 -10.26 -0.99 -2.94
N LEU A 243 -11.13 -1.73 -3.59
CA LEU A 243 -11.14 -1.81 -5.06
C LEU A 243 -11.40 -0.43 -5.57
N PRO A 244 -10.88 -0.09 -6.74
CA PRO A 244 -11.26 1.24 -7.33
C PRO A 244 -12.75 1.35 -7.56
N ARG A 245 -13.29 2.57 -7.48
CA ARG A 245 -14.76 2.81 -7.32
C ARG A 245 -15.58 2.23 -8.43
N GLY A 246 -14.99 2.00 -9.58
CA GLY A 246 -15.82 1.46 -10.64
C GLY A 246 -16.13 -0.05 -10.57
N PHE A 247 -15.53 -0.73 -9.61
CA PHE A 247 -15.47 -2.20 -9.59
C PHE A 247 -15.86 -2.79 -8.28
N ALA A 248 -16.11 -4.09 -8.31
CA ALA A 248 -16.70 -4.76 -7.23
C ALA A 248 -16.44 -6.28 -7.32
N ASP A 249 -16.70 -6.97 -6.23
CA ASP A 249 -16.76 -8.44 -6.19
C ASP A 249 -15.46 -9.04 -6.78
N ALA A 250 -14.37 -8.85 -6.06
CA ALA A 250 -13.08 -9.42 -6.46
C ALA A 250 -12.96 -10.88 -5.92
N THR A 251 -12.75 -11.84 -6.78
CA THR A 251 -12.75 -13.24 -6.36
C THR A 251 -11.66 -13.99 -7.09
N HIS A 252 -11.34 -15.19 -6.59
CA HIS A 252 -10.56 -16.25 -7.35
C HIS A 252 -9.07 -16.08 -7.44
N GLU A 253 -8.60 -14.85 -7.64
CA GLU A 253 -7.14 -14.69 -8.02
C GLU A 253 -6.62 -13.29 -7.75
N SER A 254 -5.38 -13.23 -7.36
CA SER A 254 -4.63 -12.01 -7.33
C SER A 254 -3.20 -12.42 -7.61
N ILE A 255 -2.50 -11.72 -8.46
CA ILE A 255 -1.14 -12.13 -8.62
C ILE A 255 -0.32 -10.91 -8.88
N GLU A 256 0.75 -10.76 -8.13
CA GLU A 256 1.68 -9.68 -8.34
C GLU A 256 2.62 -9.99 -9.53
N THR A 257 2.81 -9.01 -10.39
CA THR A 257 3.71 -9.12 -11.58
C THR A 257 5.13 -8.65 -11.24
N PRO A 258 6.06 -8.79 -12.18
CA PRO A 258 7.42 -8.28 -11.96
C PRO A 258 7.52 -6.75 -12.07
N ASN A 259 6.47 -6.09 -12.51
CA ASN A 259 6.45 -4.66 -12.59
C ASN A 259 5.93 -4.02 -11.31
N GLY A 260 5.83 -4.78 -10.22
CA GLY A 260 5.20 -4.23 -9.01
C GLY A 260 3.67 -3.95 -9.04
N THR A 261 2.97 -4.32 -10.09
CA THR A 261 1.56 -4.22 -10.13
C THR A 261 0.90 -5.58 -9.71
N VAL A 262 -0.41 -5.56 -9.49
CA VAL A 262 -1.17 -6.74 -9.08
C VAL A 262 -2.32 -6.90 -10.04
N LEU A 263 -2.54 -8.11 -10.52
CA LEU A 263 -3.64 -8.43 -11.35
C LEU A 263 -4.80 -9.00 -10.52
N LEU A 264 -6.01 -8.48 -10.73
CA LEU A 264 -7.20 -8.93 -10.02
C LEU A 264 -8.34 -9.24 -10.96
N ARG A 265 -9.34 -9.94 -10.42
CA ARG A 265 -10.42 -10.41 -11.24
C ARG A 265 -11.64 -9.84 -10.53
N VAL A 266 -12.37 -8.95 -11.20
CA VAL A 266 -13.42 -8.22 -10.58
C VAL A 266 -14.65 -8.25 -11.48
N GLY A 267 -15.72 -7.61 -11.03
CA GLY A 267 -16.78 -7.23 -11.93
C GLY A 267 -16.86 -5.72 -11.99
N LYS A 268 -17.58 -5.20 -12.98
CA LYS A 268 -17.73 -3.72 -13.15
C LYS A 268 -19.11 -3.36 -12.55
N SER A 269 -19.15 -2.44 -11.56
CA SER A 269 -20.47 -1.87 -11.06
C SER A 269 -20.98 -0.79 -11.99
N ASN A 270 -22.29 -0.61 -11.99
CA ASN A 270 -22.95 0.41 -12.88
C ASN A 270 -22.54 0.30 -14.38
N TYR A 271 -22.44 -0.94 -14.86
CA TYR A 271 -22.06 -1.21 -16.21
C TYR A 271 -23.32 -0.93 -17.02
N ARG A 272 -23.17 -0.14 -18.07
CA ARG A 272 -24.35 0.27 -18.86
C ARG A 272 -24.47 -0.69 -19.99
N ARG A 273 -25.49 -1.52 -19.95
CA ARG A 273 -25.73 -2.43 -21.08
C ARG A 273 -26.26 -1.63 -22.29
N ASP A 274 -26.23 -2.24 -23.47
CA ASP A 274 -26.79 -1.64 -24.70
C ASP A 274 -28.25 -1.28 -24.62
N ASP A 275 -29.06 -2.05 -23.91
CA ASP A 275 -30.44 -1.66 -23.69
C ASP A 275 -30.61 -0.61 -22.61
N GLY A 276 -29.49 -0.07 -22.12
CA GLY A 276 -29.54 1.02 -21.13
C GLY A 276 -29.73 0.60 -19.70
N VAL A 277 -29.82 -0.71 -19.44
CA VAL A 277 -29.88 -1.19 -18.08
C VAL A 277 -28.47 -1.26 -17.45
N HIS A 278 -28.42 -0.82 -16.20
CA HIS A 278 -27.22 -0.84 -15.44
C HIS A 278 -27.23 -2.07 -14.61
N VAL A 279 -26.06 -2.73 -14.60
CA VAL A 279 -25.90 -3.93 -13.80
C VAL A 279 -24.53 -3.92 -13.21
N THR A 280 -24.31 -4.76 -12.20
CA THR A 280 -22.89 -5.10 -11.80
C THR A 280 -22.52 -6.39 -12.48
N THR A 281 -21.48 -6.37 -13.31
CA THR A 281 -21.15 -7.55 -14.05
C THR A 281 -20.52 -8.57 -13.12
N ILE A 282 -20.40 -9.79 -13.64
CA ILE A 282 -19.99 -11.01 -12.88
C ILE A 282 -18.75 -11.59 -13.45
N ARG A 283 -17.66 -11.53 -12.71
CA ARG A 283 -16.45 -12.29 -12.98
C ARG A 283 -15.94 -12.16 -14.36
N ASP A 284 -16.00 -10.96 -14.89
CA ASP A 284 -15.64 -10.76 -16.31
C ASP A 284 -14.82 -9.52 -16.61
N HIS A 285 -14.15 -9.00 -15.58
CA HIS A 285 -13.16 -7.89 -15.77
C HIS A 285 -11.85 -8.23 -15.08
N ILE A 286 -10.77 -7.77 -15.69
CA ILE A 286 -9.48 -7.91 -15.15
C ILE A 286 -8.88 -6.52 -14.88
N LEU A 287 -8.36 -6.31 -13.68
CA LEU A 287 -7.66 -5.07 -13.37
C LEU A 287 -6.18 -5.32 -13.19
N GLU A 288 -5.36 -4.39 -13.65
CA GLU A 288 -4.00 -4.29 -13.15
C GLU A 288 -3.95 -3.01 -12.27
N VAL A 289 -3.52 -3.16 -11.03
CA VAL A 289 -3.47 -2.07 -10.10
C VAL A 289 -2.09 -1.93 -9.53
N ASP A 290 -1.71 -0.73 -9.14
CA ASP A 290 -0.41 -0.55 -8.47
C ASP A 290 -0.53 -0.68 -6.96
N LYS A 291 0.57 -0.56 -6.25
CA LYS A 291 0.56 -0.54 -4.79
C LYS A 291 -0.09 0.68 -4.07
N SER A 292 -0.41 1.69 -4.86
CA SER A 292 -1.25 2.79 -4.44
C SER A 292 -2.74 2.51 -4.67
N GLY A 293 -3.07 1.32 -5.14
CA GLY A 293 -4.48 0.95 -5.40
C GLY A 293 -5.06 1.58 -6.67
N ARG A 294 -4.20 2.25 -7.45
CA ARG A 294 -4.64 2.90 -8.69
C ARG A 294 -4.74 1.96 -9.86
N VAL A 295 -5.63 2.21 -10.79
CA VAL A 295 -5.79 1.38 -11.95
C VAL A 295 -4.74 1.75 -12.97
N VAL A 296 -3.91 0.76 -13.33
CA VAL A 296 -2.92 0.87 -14.42
C VAL A 296 -3.55 0.38 -15.72
N ASP A 297 -4.48 -0.56 -15.65
CA ASP A 297 -5.14 -1.04 -16.87
C ASP A 297 -6.37 -1.88 -16.54
N VAL A 298 -7.28 -1.95 -17.50
CA VAL A 298 -8.44 -2.75 -17.35
C VAL A 298 -8.82 -3.55 -18.62
N TRP A 299 -9.24 -4.79 -18.45
CA TRP A 299 -9.67 -5.62 -19.52
C TRP A 299 -11.11 -5.93 -19.30
N ASP A 300 -11.98 -5.34 -20.13
CA ASP A 300 -13.44 -5.58 -20.13
C ASP A 300 -13.74 -6.76 -21.09
N LEU A 301 -13.92 -7.95 -20.56
CA LEU A 301 -14.02 -9.15 -21.36
C LEU A 301 -15.31 -9.23 -22.18
N THR A 302 -16.33 -8.49 -21.74
CA THR A 302 -17.54 -8.42 -22.51
C THR A 302 -17.38 -7.76 -23.88
N LYS A 303 -16.26 -7.07 -24.13
CA LYS A 303 -15.99 -6.51 -25.44
C LYS A 303 -14.81 -7.25 -26.06
N ILE A 304 -14.24 -8.25 -25.42
CA ILE A 304 -13.11 -8.94 -26.01
C ILE A 304 -13.49 -10.38 -26.41
N LEU A 305 -14.23 -11.08 -25.56
CA LEU A 305 -14.67 -12.42 -25.83
C LEU A 305 -16.11 -12.34 -26.27
N ASP A 306 -16.86 -13.42 -26.16
CA ASP A 306 -18.22 -13.45 -26.68
C ASP A 306 -19.14 -13.95 -25.59
N PRO A 307 -19.85 -13.04 -24.95
CA PRO A 307 -20.77 -13.36 -23.85
C PRO A 307 -22.06 -14.03 -24.27
N LYS A 308 -22.24 -14.22 -25.56
CA LYS A 308 -23.40 -14.89 -26.12
C LYS A 308 -23.07 -16.38 -26.39
N ARG A 309 -21.81 -16.76 -26.39
CA ARG A 309 -21.44 -18.16 -26.63
C ARG A 309 -21.88 -19.05 -25.47
N ASP A 310 -22.83 -19.92 -25.77
CA ASP A 310 -23.46 -20.79 -24.76
C ASP A 310 -23.10 -22.31 -24.88
N ALA A 311 -22.11 -22.60 -25.74
CA ALA A 311 -21.71 -23.97 -26.06
C ALA A 311 -21.38 -24.72 -24.78
N LEU A 312 -20.60 -24.15 -23.86
CA LEU A 312 -20.36 -24.83 -22.59
C LEU A 312 -21.47 -24.59 -21.58
N LEU A 313 -21.92 -23.35 -21.45
CA LEU A 313 -22.93 -22.99 -20.46
C LEU A 313 -24.12 -23.90 -20.47
N GLY A 314 -24.60 -24.19 -21.69
CA GLY A 314 -25.79 -25.04 -21.83
C GLY A 314 -25.57 -26.51 -21.50
N ALA A 315 -24.32 -26.90 -21.34
CA ALA A 315 -23.92 -28.27 -21.01
C ALA A 315 -23.53 -28.51 -19.57
N LEU A 316 -23.90 -27.64 -18.64
CA LEU A 316 -23.32 -27.70 -17.30
C LEU A 316 -24.28 -28.31 -16.30
N ASP A 317 -23.73 -28.77 -15.18
CA ASP A 317 -24.49 -29.38 -14.10
C ASP A 317 -25.10 -28.23 -13.26
N ALA A 318 -26.37 -28.37 -12.88
CA ALA A 318 -26.96 -27.48 -11.86
C ALA A 318 -26.19 -27.43 -10.49
N GLY A 319 -26.11 -28.57 -9.80
CA GLY A 319 -25.47 -28.67 -8.48
C GLY A 319 -24.35 -27.68 -8.16
N ALA A 320 -23.49 -27.38 -9.14
CA ALA A 320 -22.27 -26.54 -8.94
C ALA A 320 -22.32 -25.17 -9.66
N ALA A 328 -29.18 -31.06 -4.13
CA ALA A 328 -30.62 -31.07 -4.47
C ALA A 328 -30.84 -31.36 -5.97
N HIS A 329 -30.25 -30.54 -6.85
CA HIS A 329 -30.34 -30.70 -8.34
C HIS A 329 -28.95 -31.01 -9.01
N ALA A 330 -28.57 -32.30 -9.01
CA ALA A 330 -27.36 -32.77 -9.73
C ALA A 330 -27.74 -33.66 -10.93
N GLY A 331 -26.76 -33.94 -11.79
CA GLY A 331 -27.00 -34.56 -13.13
C GLY A 331 -27.80 -33.66 -14.09
N GLN A 332 -28.57 -32.73 -13.53
CA GLN A 332 -29.44 -31.86 -14.30
C GLN A 332 -28.57 -30.92 -15.19
N GLN A 333 -28.56 -31.25 -16.48
CA GLN A 333 -27.93 -30.39 -17.48
C GLN A 333 -28.62 -29.03 -17.51
N ALA A 334 -27.83 -27.96 -17.57
CA ALA A 334 -28.33 -26.61 -17.35
C ALA A 334 -29.18 -26.28 -18.55
N LYS A 335 -30.38 -25.76 -18.26
CA LYS A 335 -31.31 -25.26 -19.26
C LYS A 335 -31.42 -23.68 -19.21
N LEU A 336 -30.64 -23.03 -20.08
CA LEU A 336 -30.63 -21.57 -20.17
C LEU A 336 -31.99 -21.02 -20.52
N GLU A 337 -32.38 -19.95 -19.83
CA GLU A 337 -33.61 -19.21 -20.09
C GLU A 337 -33.31 -17.82 -20.56
N PRO A 338 -34.02 -17.36 -21.58
CA PRO A 338 -33.77 -15.98 -22.11
C PRO A 338 -34.17 -14.87 -21.14
N ASP A 339 -35.03 -15.18 -20.16
CA ASP A 339 -35.46 -14.23 -19.07
C ASP A 339 -34.78 -14.50 -17.66
N THR A 340 -33.61 -15.12 -17.64
CA THR A 340 -32.89 -15.26 -16.38
C THR A 340 -32.55 -13.83 -15.83
N PRO A 341 -32.99 -13.50 -14.63
CA PRO A 341 -32.68 -12.19 -14.04
C PRO A 341 -31.21 -12.03 -13.84
N PHE A 342 -30.72 -10.82 -14.05
CA PHE A 342 -29.34 -10.55 -13.93
C PHE A 342 -28.91 -10.86 -12.54
N GLY A 343 -27.68 -11.32 -12.43
CA GLY A 343 -27.19 -11.84 -11.16
C GLY A 343 -26.14 -12.92 -11.39
N ASP A 344 -25.65 -13.43 -10.25
CA ASP A 344 -24.69 -14.52 -10.24
C ASP A 344 -25.47 -15.76 -10.64
N ALA A 345 -25.70 -15.91 -11.92
CA ALA A 345 -26.62 -16.97 -12.45
C ALA A 345 -26.11 -17.31 -13.83
N LEU A 346 -26.05 -18.62 -14.12
CA LEU A 346 -25.60 -19.13 -15.40
C LEU A 346 -26.51 -18.60 -16.48
N GLY A 347 -25.91 -18.09 -17.53
CA GLY A 347 -26.63 -17.31 -18.49
C GLY A 347 -25.66 -16.57 -19.38
N VAL A 348 -26.15 -16.16 -20.54
CA VAL A 348 -25.38 -15.29 -21.44
C VAL A 348 -25.58 -13.82 -21.06
N GLY A 349 -24.68 -13.01 -21.54
CA GLY A 349 -24.76 -11.57 -21.53
C GLY A 349 -24.12 -10.92 -20.31
N PRO A 350 -23.73 -9.62 -20.45
CA PRO A 350 -23.18 -8.86 -19.32
C PRO A 350 -24.22 -8.71 -18.26
N GLY A 351 -23.88 -9.08 -17.03
CA GLY A 351 -24.83 -9.08 -15.92
C GLY A 351 -25.17 -10.50 -15.52
N ARG A 352 -24.73 -11.46 -16.36
CA ARG A 352 -24.88 -12.90 -15.96
C ARG A 352 -23.54 -13.54 -15.86
N ASN A 353 -23.52 -14.75 -15.34
CA ASN A 353 -22.23 -15.43 -15.17
C ASN A 353 -21.78 -16.19 -16.40
N TRP A 354 -21.43 -15.46 -17.42
CA TRP A 354 -21.20 -16.06 -18.74
C TRP A 354 -19.79 -16.45 -18.92
N ALA A 355 -18.93 -15.92 -18.05
CA ALA A 355 -17.50 -16.17 -18.20
C ALA A 355 -16.85 -16.94 -17.05
N HIS A 356 -17.15 -16.48 -15.85
CA HIS A 356 -16.65 -16.97 -14.65
C HIS A 356 -15.19 -17.15 -14.76
N VAL A 357 -14.45 -16.06 -14.99
CA VAL A 357 -13.00 -16.15 -15.04
C VAL A 357 -12.45 -16.44 -13.64
N ASN A 358 -11.46 -17.34 -13.55
CA ASN A 358 -11.01 -17.87 -12.30
C ASN A 358 -9.55 -18.06 -12.08
N SER A 359 -8.77 -17.70 -13.08
CA SER A 359 -7.36 -17.59 -12.90
C SER A 359 -6.73 -16.57 -13.85
N ILE A 360 -5.60 -16.07 -13.45
CA ILE A 360 -4.82 -15.17 -14.24
C ILE A 360 -3.32 -15.49 -14.17
N ALA A 361 -2.67 -15.38 -15.33
CA ALA A 361 -1.24 -15.50 -15.41
C ALA A 361 -0.72 -14.40 -16.30
N TYR A 362 0.41 -13.86 -15.94
CA TYR A 362 0.98 -12.75 -16.68
C TYR A 362 2.11 -13.35 -17.52
N ASP A 363 2.06 -13.13 -18.80
CA ASP A 363 3.18 -13.48 -19.63
C ASP A 363 4.11 -12.28 -19.83
N ALA A 364 5.29 -12.30 -19.22
CA ALA A 364 6.15 -11.17 -19.26
C ALA A 364 6.85 -11.01 -20.56
N LYS A 365 7.04 -12.09 -21.29
CA LYS A 365 7.77 -12.05 -22.54
C LYS A 365 7.12 -11.14 -23.56
N ASP A 366 5.80 -11.04 -23.54
CA ASP A 366 5.06 -10.17 -24.48
C ASP A 366 3.95 -9.31 -23.83
N ASP A 367 4.07 -9.09 -22.52
CA ASP A 367 3.14 -8.21 -21.79
C ASP A 367 1.66 -8.52 -21.97
N SER A 368 1.31 -9.78 -21.73
CA SER A 368 -0.05 -10.26 -21.95
C SER A 368 -0.52 -11.06 -20.75
N ILE A 369 -1.80 -11.36 -20.78
CA ILE A 369 -2.45 -12.15 -19.74
C ILE A 369 -3.16 -13.39 -20.29
N ILE A 370 -3.01 -14.47 -19.54
CA ILE A 370 -3.71 -15.70 -19.82
C ILE A 370 -4.77 -15.92 -18.75
N LEU A 371 -5.98 -16.14 -19.24
CA LEU A 371 -7.13 -16.30 -18.42
C LEU A 371 -7.76 -17.65 -18.54
N SER A 372 -8.24 -18.18 -17.42
CA SER A 372 -9.09 -19.34 -17.41
C SER A 372 -10.47 -18.83 -17.23
N SER A 373 -11.29 -18.99 -18.25
CA SER A 373 -12.72 -18.73 -18.09
C SER A 373 -13.45 -20.06 -17.89
N ARG A 374 -14.03 -20.28 -16.73
CA ARG A 374 -14.67 -21.55 -16.46
C ARG A 374 -15.73 -21.93 -17.52
N HIS A 375 -16.46 -20.95 -18.05
CA HIS A 375 -17.58 -21.18 -18.92
C HIS A 375 -17.29 -20.99 -20.40
N GLN A 376 -16.03 -20.83 -20.74
CA GLN A 376 -15.70 -20.54 -22.16
C GLN A 376 -14.40 -21.20 -22.61
N GLY A 377 -13.40 -21.29 -21.74
CA GLY A 377 -12.06 -21.72 -22.19
C GLY A 377 -10.91 -20.97 -21.55
N VAL A 378 -9.72 -21.24 -22.10
CA VAL A 378 -8.52 -20.60 -21.73
C VAL A 378 -8.08 -19.72 -22.88
N VAL A 379 -7.67 -18.49 -22.57
CA VAL A 379 -7.44 -17.41 -23.59
C VAL A 379 -6.28 -16.56 -23.21
N LYS A 380 -5.54 -16.17 -24.22
CA LYS A 380 -4.52 -15.17 -24.08
C LYS A 380 -4.99 -13.88 -24.68
N ILE A 381 -4.86 -12.81 -23.91
CA ILE A 381 -5.28 -11.49 -24.36
C ILE A 381 -4.09 -10.56 -24.20
N GLY A 382 -3.84 -9.77 -25.25
CA GLY A 382 -2.67 -8.88 -25.25
C GLY A 382 -2.92 -7.61 -24.42
N ARG A 383 -1.88 -6.85 -24.19
CA ARG A 383 -1.94 -5.48 -23.70
C ARG A 383 -2.85 -4.62 -24.58
N ASP A 384 -2.89 -4.91 -25.86
CA ASP A 384 -3.78 -4.26 -26.83
C ASP A 384 -5.24 -4.70 -26.77
N LYS A 385 -5.59 -5.50 -25.78
CA LYS A 385 -6.97 -5.93 -25.65
C LYS A 385 -7.46 -6.81 -26.78
N GLN A 386 -6.54 -7.35 -27.59
CA GLN A 386 -6.91 -8.33 -28.57
CA GLN A 386 -6.89 -8.30 -28.57
C GLN A 386 -6.57 -9.76 -28.13
N VAL A 387 -7.50 -10.65 -28.50
CA VAL A 387 -7.33 -12.09 -28.29
C VAL A 387 -6.17 -12.67 -29.13
N LYS A 388 -5.23 -13.34 -28.49
CA LYS A 388 -4.05 -13.86 -29.18
C LYS A 388 -4.22 -15.33 -29.51
N TRP A 389 -4.74 -16.10 -28.57
CA TRP A 389 -5.14 -17.45 -28.87
C TRP A 389 -6.20 -17.91 -27.93
N ILE A 390 -6.90 -18.96 -28.32
CA ILE A 390 -7.87 -19.62 -27.48
C ILE A 390 -7.66 -21.15 -27.48
N LEU A 391 -7.78 -21.73 -26.29
CA LEU A 391 -7.73 -23.16 -26.06
C LEU A 391 -9.09 -23.60 -25.61
N ALA A 392 -9.84 -24.22 -26.51
CA ALA A 392 -11.22 -24.55 -26.28
C ALA A 392 -11.79 -25.35 -27.44
N PRO A 393 -12.79 -26.22 -27.19
CA PRO A 393 -13.56 -26.83 -28.27
C PRO A 393 -14.16 -25.75 -29.19
N SER A 394 -14.25 -26.05 -30.49
CA SER A 394 -14.53 -25.09 -31.51
C SER A 394 -16.04 -24.73 -31.55
N LYS A 395 -16.87 -25.56 -30.98
CA LYS A 395 -18.29 -25.27 -31.05
C LYS A 395 -18.56 -23.86 -30.52
N GLY A 396 -19.46 -23.14 -31.15
CA GLY A 396 -19.98 -21.86 -30.59
C GLY A 396 -19.14 -20.60 -30.93
N TRP A 397 -17.86 -20.75 -31.29
CA TRP A 397 -17.04 -19.63 -31.62
C TRP A 397 -17.30 -19.07 -32.99
N GLU A 398 -17.76 -17.82 -33.04
CA GLU A 398 -17.97 -17.10 -34.30
C GLU A 398 -16.63 -16.60 -34.80
N LYS A 399 -16.63 -16.20 -36.06
CA LYS A 399 -15.59 -15.33 -36.56
C LYS A 399 -15.83 -13.93 -35.96
N PRO A 400 -14.78 -13.23 -35.61
CA PRO A 400 -13.38 -13.54 -35.91
C PRO A 400 -12.65 -14.39 -34.88
N LEU A 401 -13.28 -14.64 -33.72
CA LEU A 401 -12.59 -15.38 -32.63
C LEU A 401 -12.22 -16.81 -33.04
N ALA A 402 -13.06 -17.48 -33.86
CA ALA A 402 -12.72 -18.83 -34.35
C ALA A 402 -11.29 -18.89 -34.90
N SER A 403 -10.85 -17.87 -35.63
CA SER A 403 -9.52 -17.94 -36.23
C SER A 403 -8.42 -18.05 -35.22
N LYS A 404 -8.77 -17.86 -33.94
CA LYS A 404 -7.79 -17.83 -32.86
C LYS A 404 -7.68 -19.14 -32.10
N LEU A 405 -8.66 -20.03 -32.30
CA LEU A 405 -8.60 -21.42 -31.76
C LEU A 405 -7.27 -22.13 -32.06
N LEU A 406 -6.63 -22.66 -31.02
CA LEU A 406 -5.37 -23.39 -31.19
C LEU A 406 -5.68 -24.78 -31.75
N LYS A 407 -4.83 -25.27 -32.65
CA LYS A 407 -5.03 -26.57 -33.34
C LYS A 407 -4.21 -27.71 -32.68
N PRO A 408 -4.90 -28.69 -32.16
CA PRO A 408 -4.26 -29.81 -31.51
C PRO A 408 -3.33 -30.59 -32.42
N VAL A 409 -2.19 -30.95 -31.88
CA VAL A 409 -1.20 -31.71 -32.61
C VAL A 409 -0.47 -32.68 -31.68
N ASP A 410 0.12 -33.71 -32.27
CA ASP A 410 0.83 -34.77 -31.51
C ASP A 410 2.34 -34.43 -31.35
N ALA A 411 3.14 -35.32 -30.75
CA ALA A 411 4.62 -35.09 -30.60
C ALA A 411 5.38 -34.77 -31.91
N ASN A 412 4.88 -35.25 -33.05
CA ASN A 412 5.53 -35.00 -34.35
C ASN A 412 4.94 -33.81 -35.08
N GLY A 413 3.91 -33.21 -34.51
CA GLY A 413 3.37 -31.99 -35.07
C GLY A 413 2.22 -32.23 -36.00
N LYS A 414 1.69 -33.43 -36.02
CA LYS A 414 0.66 -33.73 -36.99
C LYS A 414 -0.68 -33.44 -36.40
N PRO A 415 -1.57 -32.80 -37.18
CA PRO A 415 -2.89 -32.46 -36.70
C PRO A 415 -3.56 -33.63 -36.07
N ILE A 416 -4.35 -33.36 -35.05
CA ILE A 416 -5.13 -34.37 -34.34
C ILE A 416 -6.55 -34.07 -34.69
N THR A 417 -7.33 -35.08 -34.96
CA THR A 417 -8.69 -34.82 -35.39
C THR A 417 -9.60 -34.75 -34.19
N CYS A 418 -10.36 -33.68 -34.05
CA CYS A 418 -11.34 -33.54 -32.98
C CYS A 418 -12.60 -32.95 -33.53
N ASN A 419 -13.71 -33.41 -33.02
CA ASN A 419 -14.94 -32.81 -33.36
C ASN A 419 -15.17 -31.48 -32.55
N GLU A 420 -16.26 -30.82 -32.86
CA GLU A 420 -16.54 -29.49 -32.36
C GLU A 420 -16.81 -29.49 -30.85
N ASN A 421 -17.11 -30.65 -30.27
CA ASN A 421 -17.25 -30.75 -28.84
C ASN A 421 -16.00 -31.05 -28.12
N GLY A 422 -14.91 -31.15 -28.84
CA GLY A 422 -13.62 -31.40 -28.18
C GLY A 422 -13.21 -32.87 -28.07
N LEU A 423 -14.09 -33.79 -28.49
CA LEU A 423 -13.76 -35.22 -28.49
C LEU A 423 -12.77 -35.53 -29.62
N CYS A 424 -11.57 -35.97 -29.26
CA CYS A 424 -10.51 -36.25 -30.23
C CYS A 424 -10.40 -37.72 -30.55
N GLU A 425 -9.98 -38.00 -31.78
CA GLU A 425 -9.91 -39.37 -32.38
C GLU A 425 -8.53 -39.95 -32.18
N ASN A 426 -8.49 -41.15 -31.63
CA ASN A 426 -7.26 -41.93 -31.55
C ASN A 426 -6.15 -41.11 -31.00
N SER A 427 -6.40 -40.49 -29.85
CA SER A 427 -5.39 -39.65 -29.17
C SER A 427 -5.68 -39.52 -27.70
N ASP A 428 -4.66 -39.26 -26.93
CA ASP A 428 -4.82 -38.90 -25.53
C ASP A 428 -5.17 -37.39 -25.31
N PHE A 429 -5.13 -36.62 -26.37
CA PHE A 429 -5.41 -35.21 -26.29
C PHE A 429 -6.84 -35.02 -25.92
N ASP A 430 -7.05 -34.20 -24.91
CA ASP A 430 -8.38 -33.62 -24.63
C ASP A 430 -8.19 -32.13 -24.26
N PHE A 431 -9.20 -31.35 -24.57
CA PHE A 431 -9.30 -29.98 -24.09
C PHE A 431 -9.64 -29.97 -22.60
N THR A 432 -9.89 -28.79 -22.02
CA THR A 432 -10.26 -28.66 -20.62
C THR A 432 -11.65 -28.15 -20.59
N TYR A 433 -12.37 -28.45 -19.50
CA TYR A 433 -13.78 -28.08 -19.35
C TYR A 433 -13.99 -27.62 -17.93
N THR A 434 -14.59 -26.43 -17.73
CA THR A 434 -14.72 -25.81 -16.44
C THR A 434 -13.43 -25.75 -15.67
N GLN A 435 -12.33 -25.50 -16.37
CA GLN A 435 -11.08 -25.55 -15.74
C GLN A 435 -10.76 -24.43 -14.70
N ASN A 436 -9.67 -24.64 -13.96
CA ASN A 436 -9.12 -23.74 -12.98
C ASN A 436 -7.60 -23.56 -13.19
N THR A 437 -7.05 -22.51 -12.64
CA THR A 437 -5.62 -22.31 -12.67
C THR A 437 -4.88 -22.69 -13.91
N ALA A 438 -5.10 -21.90 -14.96
CA ALA A 438 -4.25 -21.89 -16.15
C ALA A 438 -3.00 -21.06 -15.96
N TRP A 439 -1.91 -21.68 -15.52
CA TRP A 439 -0.69 -20.97 -15.17
C TRP A 439 0.55 -21.37 -16.02
N ILE A 440 1.55 -20.49 -16.07
CA ILE A 440 2.78 -20.74 -16.74
C ILE A 440 3.74 -21.42 -15.78
N SER A 441 4.25 -22.57 -16.17
CA SER A 441 5.18 -23.33 -15.30
C SER A 441 6.56 -22.86 -15.51
N SER A 442 7.44 -23.20 -14.59
CA SER A 442 8.89 -22.95 -14.73
C SER A 442 9.52 -23.62 -15.96
N LYS A 443 8.81 -24.57 -16.57
CA LYS A 443 9.30 -25.32 -17.73
C LYS A 443 8.94 -24.65 -19.00
N GLY A 444 8.16 -23.58 -18.92
CA GLY A 444 7.74 -22.91 -20.14
C GLY A 444 6.52 -23.56 -20.75
N THR A 445 5.65 -24.08 -19.92
CA THR A 445 4.49 -24.73 -20.42
C THR A 445 3.28 -24.20 -19.69
N LEU A 446 2.12 -24.54 -20.22
CA LEU A 446 0.85 -24.21 -19.63
C LEU A 446 0.25 -25.33 -18.80
N THR A 447 0.04 -25.11 -17.49
CA THR A 447 -0.56 -26.08 -16.62
C THR A 447 -1.94 -25.67 -16.23
N ILE A 448 -2.84 -26.64 -16.16
CA ILE A 448 -4.28 -26.43 -15.97
C ILE A 448 -4.83 -27.58 -15.14
N PHE A 449 -5.75 -27.24 -14.23
CA PHE A 449 -6.53 -28.21 -13.55
C PHE A 449 -7.80 -28.31 -14.26
N ASP A 450 -7.96 -29.44 -14.97
CA ASP A 450 -9.12 -29.72 -15.82
C ASP A 450 -10.22 -30.37 -14.96
N ASN A 451 -10.97 -29.54 -14.29
CA ASN A 451 -12.07 -30.02 -13.42
C ASN A 451 -12.95 -31.10 -14.05
N GLY A 452 -13.40 -30.82 -15.28
CA GLY A 452 -14.12 -31.72 -16.10
C GLY A 452 -15.60 -31.72 -16.05
N ASP A 453 -16.21 -30.74 -15.43
CA ASP A 453 -17.68 -30.69 -15.58
C ASP A 453 -18.02 -30.23 -16.99
N GLY A 454 -19.12 -30.73 -17.52
CA GLY A 454 -19.51 -30.54 -18.94
C GLY A 454 -18.49 -31.01 -19.96
N ARG A 455 -17.68 -32.01 -19.59
CA ARG A 455 -16.70 -32.57 -20.49
C ARG A 455 -17.33 -33.03 -21.79
N HIS A 456 -16.68 -32.68 -22.90
CA HIS A 456 -17.18 -32.85 -24.29
C HIS A 456 -18.51 -32.19 -24.54
N LEU A 457 -18.71 -31.07 -23.84
CA LEU A 457 -19.89 -30.21 -23.97
C LEU A 457 -21.22 -30.91 -23.78
N GLU A 458 -21.22 -31.90 -22.92
CA GLU A 458 -22.45 -32.51 -22.44
C GLU A 458 -22.28 -33.08 -21.04
N GLN A 459 -23.40 -33.35 -20.37
CA GLN A 459 -23.44 -34.22 -19.20
C GLN A 459 -23.34 -35.70 -19.65
N PRO A 460 -22.88 -36.59 -18.79
CA PRO A 460 -22.76 -37.97 -19.24
C PRO A 460 -24.01 -38.72 -18.85
N ALA A 461 -24.07 -39.99 -19.27
CA ALA A 461 -25.18 -40.91 -18.99
C ALA A 461 -25.54 -41.04 -17.49
N LEU A 462 -24.51 -41.20 -16.67
CA LEU A 462 -24.60 -41.27 -15.24
C LEU A 462 -23.63 -40.22 -14.62
N PRO A 463 -24.03 -39.62 -13.50
CA PRO A 463 -23.26 -38.58 -12.79
C PRO A 463 -21.86 -38.96 -12.38
N THR A 464 -21.61 -40.23 -12.02
CA THR A 464 -20.31 -40.60 -11.50
C THR A 464 -19.36 -40.80 -12.67
N MET A 465 -19.89 -40.64 -13.89
CA MET A 465 -19.04 -40.72 -15.07
C MET A 465 -18.34 -39.41 -15.31
N LYS A 466 -17.57 -38.99 -14.34
CA LYS A 466 -16.87 -37.70 -14.40
C LYS A 466 -15.49 -37.84 -13.83
N TYR A 467 -14.52 -37.17 -14.42
CA TYR A 467 -13.18 -37.21 -13.89
C TYR A 467 -12.47 -35.84 -14.03
N SER A 468 -11.39 -35.63 -13.28
CA SER A 468 -10.64 -34.43 -13.32
C SER A 468 -9.22 -34.87 -13.81
N ARG A 469 -8.46 -33.94 -14.36
CA ARG A 469 -7.10 -34.16 -14.72
C ARG A 469 -6.21 -33.04 -14.32
N PHE A 470 -4.98 -33.35 -13.92
CA PHE A 470 -3.89 -32.43 -14.01
C PHE A 470 -3.55 -32.52 -15.48
N VAL A 471 -3.35 -31.40 -16.18
CA VAL A 471 -2.85 -31.46 -17.52
C VAL A 471 -1.87 -30.33 -17.88
N GLU A 472 -0.92 -30.63 -18.75
CA GLU A 472 0.11 -29.74 -19.19
C GLU A 472 0.14 -29.69 -20.67
N TYR A 473 0.22 -28.46 -21.22
CA TYR A 473 0.29 -28.24 -22.64
C TYR A 473 1.49 -27.44 -23.08
N LYS A 474 1.88 -27.69 -24.31
CA LYS A 474 2.95 -26.93 -24.94
C LYS A 474 2.35 -26.14 -26.08
N ILE A 475 2.61 -24.84 -26.13
CA ILE A 475 1.85 -24.03 -27.05
C ILE A 475 2.82 -23.36 -27.96
N ASP A 476 2.55 -23.45 -29.25
CA ASP A 476 3.31 -22.74 -30.25
C ASP A 476 2.45 -21.65 -30.80
N GLU A 477 2.69 -20.42 -30.34
CA GLU A 477 1.85 -19.29 -30.69
C GLU A 477 2.00 -18.95 -32.18
N LYS A 478 3.21 -18.99 -32.70
CA LYS A 478 3.48 -18.73 -34.13
C LYS A 478 2.66 -19.65 -35.08
N LYS A 479 2.76 -20.96 -34.92
CA LYS A 479 1.92 -21.89 -35.69
C LYS A 479 0.45 -21.96 -35.25
N GLY A 480 0.14 -21.48 -34.06
CA GLY A 480 -1.21 -21.65 -33.50
C GLY A 480 -1.59 -23.10 -33.19
N THR A 481 -0.67 -23.83 -32.59
CA THR A 481 -0.88 -25.23 -32.31
C THR A 481 -0.70 -25.45 -30.85
N VAL A 482 -1.37 -26.49 -30.34
CA VAL A 482 -1.20 -26.90 -28.97
C VAL A 482 -0.89 -28.40 -28.89
N GLN A 483 0.03 -28.72 -28.03
CA GLN A 483 0.28 -30.09 -27.70
C GLN A 483 0.06 -30.50 -26.25
N GLN A 484 -0.65 -31.60 -26.02
CA GLN A 484 -0.80 -32.12 -24.67
C GLN A 484 0.42 -32.92 -24.37
N VAL A 485 1.16 -32.55 -23.32
CA VAL A 485 2.43 -33.16 -23.08
C VAL A 485 2.47 -33.92 -21.75
N TRP A 486 1.40 -33.88 -20.96
CA TRP A 486 1.42 -34.55 -19.64
C TRP A 486 0.06 -34.50 -19.03
N GLU A 487 -0.34 -35.59 -18.41
CA GLU A 487 -1.65 -35.60 -17.73
C GLU A 487 -1.65 -36.56 -16.61
N TYR A 488 -2.68 -36.49 -15.75
CA TYR A 488 -2.79 -37.37 -14.64
C TYR A 488 -4.15 -37.24 -14.09
N GLY A 489 -4.77 -38.37 -13.70
CA GLY A 489 -6.00 -38.39 -12.85
C GLY A 489 -7.21 -38.90 -13.55
N LYS A 490 -7.14 -38.99 -14.86
CA LYS A 490 -8.31 -39.47 -15.61
C LYS A 490 -8.69 -40.90 -15.20
N GLU A 491 -7.73 -41.67 -14.73
CA GLU A 491 -7.97 -43.03 -14.35
C GLU A 491 -8.53 -43.09 -12.97
N ARG A 492 -8.49 -41.99 -12.18
CA ARG A 492 -8.75 -42.10 -10.74
C ARG A 492 -10.23 -41.92 -10.43
N GLY A 493 -10.95 -41.66 -11.49
CA GLY A 493 -12.37 -41.66 -11.46
C GLY A 493 -13.06 -40.55 -10.65
N TYR A 494 -14.28 -40.84 -10.21
CA TYR A 494 -15.05 -39.91 -9.40
C TYR A 494 -14.50 -39.58 -8.01
N ASP A 495 -13.79 -40.49 -7.34
CA ASP A 495 -13.13 -40.18 -6.10
C ASP A 495 -11.98 -39.18 -6.29
N PHE A 496 -11.72 -38.76 -7.50
CA PHE A 496 -10.69 -37.73 -7.75
C PHE A 496 -11.27 -36.57 -8.58
N TYR A 497 -12.59 -36.53 -8.62
CA TYR A 497 -13.30 -35.56 -9.43
C TYR A 497 -13.62 -34.33 -8.59
N SER A 498 -13.03 -33.21 -8.99
CA SER A 498 -13.34 -31.90 -8.36
C SER A 498 -14.08 -31.04 -9.33
N PRO A 499 -15.40 -30.97 -9.21
CA PRO A 499 -16.17 -30.19 -10.13
C PRO A 499 -15.83 -28.65 -10.11
N ILE A 500 -15.44 -28.16 -8.94
CA ILE A 500 -15.06 -26.77 -8.81
C ILE A 500 -13.72 -26.56 -8.14
N THR A 501 -13.28 -25.30 -8.19
CA THR A 501 -12.11 -24.83 -7.50
C THR A 501 -10.86 -25.61 -7.94
N SER A 502 -9.91 -25.82 -7.03
CA SER A 502 -8.72 -26.67 -7.30
C SER A 502 -7.57 -25.99 -8.02
N ILE A 503 -6.44 -26.68 -8.05
CA ILE A 503 -5.23 -26.06 -8.54
C ILE A 503 -4.12 -27.09 -8.82
N ILE A 504 -3.32 -26.83 -9.84
CA ILE A 504 -2.03 -27.50 -9.94
C ILE A 504 -0.88 -26.55 -10.22
N GLU A 505 0.34 -26.98 -9.90
CA GLU A 505 1.50 -26.21 -10.16
C GLU A 505 2.76 -27.05 -10.26
N TYR A 506 3.53 -26.86 -11.33
CA TYR A 506 4.73 -27.62 -11.44
C TYR A 506 5.80 -27.20 -10.48
N GLN A 507 6.39 -28.19 -9.80
CA GLN A 507 7.48 -27.97 -8.81
C GLN A 507 8.80 -28.50 -9.36
N ALA A 508 9.58 -27.62 -9.96
CA ALA A 508 10.97 -27.91 -10.34
C ALA A 508 11.95 -28.44 -9.33
N ASP A 509 11.79 -28.16 -8.06
CA ASP A 509 12.77 -28.62 -7.09
C ASP A 509 12.88 -30.14 -6.95
N ARG A 510 11.76 -30.84 -6.99
CA ARG A 510 11.70 -32.29 -6.79
C ARG A 510 10.98 -32.92 -7.95
N ASN A 511 10.82 -32.14 -9.00
CA ASN A 511 10.29 -32.59 -10.25
C ASN A 511 8.95 -33.28 -10.09
N THR A 512 8.07 -32.61 -9.36
CA THR A 512 6.71 -33.11 -9.15
C THR A 512 5.66 -32.12 -9.67
N MET A 513 4.47 -32.62 -9.86
CA MET A 513 3.30 -31.81 -10.19
C MET A 513 2.57 -31.79 -8.88
N PHE A 514 2.46 -30.58 -8.30
CA PHE A 514 1.67 -30.41 -7.07
C PHE A 514 0.26 -30.19 -7.45
N GLY A 515 -0.69 -30.70 -6.68
CA GLY A 515 -2.10 -30.61 -7.04
C GLY A 515 -2.94 -30.50 -5.77
N PHE A 516 -4.11 -29.85 -5.85
CA PHE A 516 -5.12 -29.87 -4.76
C PHE A 516 -6.49 -29.94 -5.37
N GLY A 517 -7.16 -31.05 -5.18
CA GLY A 517 -8.53 -31.20 -5.62
C GLY A 517 -9.44 -30.76 -4.49
N GLY A 518 -10.28 -29.75 -4.74
CA GLY A 518 -10.85 -29.00 -3.64
C GLY A 518 -12.23 -29.34 -3.32
N SER A 519 -12.88 -30.10 -4.21
CA SER A 519 -14.30 -30.39 -4.06
C SER A 519 -14.64 -31.87 -4.36
N ILE A 520 -13.78 -32.78 -3.94
CA ILE A 520 -14.05 -34.23 -4.11
C ILE A 520 -15.17 -34.63 -3.18
N HIS A 521 -16.16 -35.31 -3.75
CA HIS A 521 -17.40 -35.73 -3.03
C HIS A 521 -18.29 -34.61 -2.59
N LEU A 522 -18.16 -33.47 -3.26
CA LEU A 522 -19.01 -32.33 -2.91
C LEU A 522 -20.46 -32.72 -2.86
N PHE A 523 -20.88 -33.60 -3.78
CA PHE A 523 -22.32 -33.97 -3.91
C PHE A 523 -22.83 -35.10 -3.04
N ASP A 524 -21.96 -35.74 -2.31
CA ASP A 524 -22.30 -36.77 -1.41
C ASP A 524 -23.06 -36.20 -0.21
N VAL A 525 -24.34 -36.12 -0.35
CA VAL A 525 -25.13 -35.35 0.65
C VAL A 525 -24.82 -35.83 2.07
N GLY A 526 -24.38 -34.93 2.94
CA GLY A 526 -24.21 -35.23 4.38
C GLY A 526 -22.82 -35.77 4.67
N GLN A 527 -21.96 -35.88 3.68
CA GLN A 527 -20.58 -36.22 3.95
C GLN A 527 -19.64 -35.00 3.82
N PRO A 528 -18.46 -35.07 4.49
CA PRO A 528 -17.51 -34.03 4.42
C PRO A 528 -16.99 -34.00 3.05
N THR A 529 -16.55 -32.81 2.63
CA THR A 529 -15.95 -32.63 1.32
C THR A 529 -14.47 -32.79 1.47
N VAL A 530 -13.85 -33.37 0.46
CA VAL A 530 -12.48 -33.80 0.60
C VAL A 530 -11.60 -32.89 -0.24
N GLY A 531 -10.57 -32.35 0.39
CA GLY A 531 -9.54 -31.65 -0.38
C GLY A 531 -8.34 -32.50 -0.32
N LYS A 532 -7.79 -32.81 -1.50
CA LYS A 532 -6.74 -33.71 -1.61
C LYS A 532 -5.52 -33.05 -2.16
N LEU A 533 -4.50 -32.93 -1.29
CA LEU A 533 -3.19 -32.46 -1.66
C LEU A 533 -2.34 -33.65 -2.27
N ASN A 534 -1.82 -33.42 -3.45
CA ASN A 534 -0.98 -34.36 -4.07
C ASN A 534 0.31 -33.79 -4.54
N GLU A 535 1.34 -34.61 -4.48
CA GLU A 535 2.55 -34.39 -5.32
C GLU A 535 2.74 -35.66 -6.12
N ILE A 536 2.88 -35.52 -7.41
CA ILE A 536 2.90 -36.59 -8.34
C ILE A 536 4.19 -36.47 -9.07
N ASP A 537 4.99 -37.53 -9.07
CA ASP A 537 6.34 -37.52 -9.65
C ASP A 537 6.16 -37.36 -11.15
N TYR A 538 6.78 -36.34 -11.69
CA TYR A 538 6.54 -35.95 -13.06
C TYR A 538 6.97 -37.02 -14.09
N LYS A 539 8.07 -37.71 -13.81
CA LYS A 539 8.58 -38.75 -14.70
C LYS A 539 7.75 -40.06 -14.63
N THR A 540 7.37 -40.47 -13.46
CA THR A 540 6.89 -41.83 -13.29
C THR A 540 5.44 -41.88 -12.92
N LYS A 541 4.85 -40.74 -12.65
CA LYS A 541 3.47 -40.63 -12.18
C LYS A 541 3.17 -41.29 -10.87
N GLU A 542 4.21 -41.56 -10.12
CA GLU A 542 4.12 -42.14 -8.78
C GLU A 542 3.64 -41.07 -7.79
N VAL A 543 2.72 -41.44 -6.92
CA VAL A 543 2.31 -40.57 -5.82
C VAL A 543 3.40 -40.37 -4.77
N LYS A 544 4.01 -39.17 -4.70
CA LYS A 544 4.99 -38.85 -3.67
C LYS A 544 4.34 -38.35 -2.39
N VAL A 545 3.25 -37.58 -2.54
CA VAL A 545 2.48 -37.14 -1.35
C VAL A 545 0.98 -37.21 -1.63
N GLU A 546 0.21 -37.65 -0.63
CA GLU A 546 -1.19 -37.58 -0.77
C GLU A 546 -1.70 -37.39 0.64
N ILE A 547 -2.37 -36.24 0.88
CA ILE A 547 -2.95 -35.87 2.19
C ILE A 547 -4.36 -35.35 1.98
N ASP A 548 -5.30 -35.82 2.77
CA ASP A 548 -6.67 -35.43 2.63
C ASP A 548 -7.05 -34.52 3.75
N VAL A 549 -7.86 -33.52 3.42
CA VAL A 549 -8.44 -32.60 4.35
C VAL A 549 -9.96 -32.64 4.20
N LEU A 550 -10.62 -32.82 5.29
CA LEU A 550 -12.00 -32.95 5.29
C LEU A 550 -12.68 -31.73 5.92
N SER A 551 -13.72 -31.29 5.27
CA SER A 551 -14.46 -30.09 5.68
C SER A 551 -15.06 -30.33 7.04
N ASP A 552 -15.16 -29.28 7.83
CA ASP A 552 -15.82 -29.31 9.13
C ASP A 552 -17.31 -29.29 9.10
N LYS A 553 -17.86 -29.07 7.92
CA LYS A 553 -19.27 -29.23 7.68
C LYS A 553 -19.43 -29.98 6.37
N PRO A 554 -20.55 -30.72 6.21
CA PRO A 554 -20.81 -31.43 4.97
C PRO A 554 -20.94 -30.58 3.74
N ASN A 555 -20.42 -31.06 2.63
CA ASN A 555 -20.78 -30.42 1.37
C ASN A 555 -20.40 -28.92 1.38
N GLN A 556 -19.10 -28.71 1.63
CA GLN A 556 -18.49 -27.41 1.85
C GLN A 556 -17.17 -27.44 1.11
N THR A 557 -17.14 -26.77 -0.01
CA THR A 557 -15.96 -26.86 -0.83
C THR A 557 -14.70 -26.21 -0.21
N HIS A 558 -13.50 -26.67 -0.60
CA HIS A 558 -12.23 -26.06 -0.30
C HIS A 558 -11.92 -25.28 -1.56
N TYR A 559 -11.01 -24.35 -1.52
CA TYR A 559 -10.77 -23.56 -2.71
C TYR A 559 -9.38 -23.99 -3.31
N ARG A 560 -8.29 -23.67 -2.62
CA ARG A 560 -6.93 -23.98 -3.18
C ARG A 560 -6.01 -24.29 -2.09
N ALA A 561 -4.79 -24.66 -2.47
CA ALA A 561 -3.73 -24.85 -1.55
C ALA A 561 -2.47 -24.42 -2.24
N LEU A 562 -1.47 -24.08 -1.46
CA LEU A 562 -0.14 -23.73 -2.01
C LEU A 562 0.92 -24.52 -1.27
N LEU A 563 1.98 -24.79 -1.97
CA LEU A 563 3.15 -25.42 -1.38
C LEU A 563 4.01 -24.28 -0.94
N VAL A 564 4.17 -24.13 0.36
CA VAL A 564 4.94 -22.98 0.89
C VAL A 564 6.29 -23.47 1.39
N ARG A 565 7.27 -22.59 1.20
CA ARG A 565 8.65 -22.85 1.55
C ARG A 565 9.15 -21.79 2.57
N PRO A 566 9.30 -22.17 3.83
CA PRO A 566 9.86 -21.37 4.89
C PRO A 566 11.12 -20.65 4.59
N GLN A 567 12.01 -21.23 3.78
CA GLN A 567 13.28 -20.56 3.45
C GLN A 567 13.09 -19.27 2.61
N GLN A 568 11.89 -19.07 2.05
CA GLN A 568 11.52 -17.91 1.26
C GLN A 568 10.66 -16.91 2.04
N MET A 569 10.16 -17.29 3.19
CA MET A 569 9.15 -16.51 3.87
C MET A 569 9.65 -15.19 4.47
N PHE A 570 10.91 -15.15 4.89
CA PHE A 570 11.44 -14.02 5.59
C PHE A 570 12.75 -13.55 4.97
N LYS A 571 12.63 -13.02 3.75
CA LYS A 571 13.77 -12.46 3.05
C LYS A 571 14.51 -11.34 3.86
CA ALA B 1 -39.14 1.36 -2.55
C ALA B 1 -37.80 2.05 -2.14
N GLY B 2 -36.81 1.99 -3.01
CA GLY B 2 -35.57 2.74 -2.76
C GLY B 2 -35.43 4.05 -3.52
N PHE B 3 -34.19 4.51 -3.71
CA PHE B 3 -33.95 5.78 -4.33
C PHE B 3 -32.98 5.67 -5.46
N LYS B 4 -33.19 6.42 -6.50
CA LYS B 4 -32.36 6.30 -7.68
C LYS B 4 -31.08 7.10 -7.51
N PRO B 5 -30.04 6.69 -8.17
CA PRO B 5 -28.86 7.44 -8.23
C PRO B 5 -29.04 8.73 -9.03
N ALA B 6 -28.15 9.66 -8.83
CA ALA B 6 -28.13 10.86 -9.60
C ALA B 6 -28.13 10.53 -11.07
N PRO B 7 -29.02 11.17 -11.84
CA PRO B 7 -29.06 10.99 -13.28
C PRO B 7 -27.87 11.66 -13.95
N PRO B 8 -27.65 11.30 -15.23
CA PRO B 8 -26.52 11.84 -15.99
C PRO B 8 -26.73 13.31 -16.18
N ALA B 9 -25.67 14.10 -16.06
CA ALA B 9 -25.83 15.57 -16.05
C ALA B 9 -25.76 16.13 -17.45
N GLY B 10 -24.92 15.55 -18.27
CA GLY B 10 -24.84 15.95 -19.65
C GLY B 10 -24.68 14.77 -20.59
N GLN B 11 -23.56 14.68 -21.26
CA GLN B 11 -23.38 13.58 -22.20
C GLN B 11 -22.55 12.40 -21.60
N LEU B 12 -22.08 12.53 -20.38
CA LEU B 12 -21.48 11.39 -19.69
C LEU B 12 -22.41 11.02 -18.56
N GLY B 13 -21.90 10.85 -17.37
CA GLY B 13 -22.75 10.45 -16.24
C GLY B 13 -23.06 11.56 -15.28
N ALA B 14 -23.40 11.19 -14.03
CA ALA B 14 -23.69 12.18 -13.03
C ALA B 14 -22.40 12.89 -12.67
N VAL B 15 -22.54 14.03 -11.99
CA VAL B 15 -21.40 14.81 -11.46
C VAL B 15 -21.54 14.78 -9.96
N ILE B 16 -20.61 14.11 -9.31
CA ILE B 16 -20.71 13.82 -7.89
C ILE B 16 -19.74 14.73 -7.16
N VAL B 17 -20.22 15.42 -6.14
CA VAL B 17 -19.32 16.29 -5.38
C VAL B 17 -18.61 15.47 -4.31
N ASP B 18 -17.28 15.53 -4.24
CA ASP B 18 -16.53 14.93 -3.13
C ASP B 18 -16.84 13.42 -3.01
N PRO B 19 -16.58 12.71 -4.09
CA PRO B 19 -16.88 11.37 -4.17
C PRO B 19 -16.20 10.53 -3.08
N TYR B 20 -14.95 10.82 -2.73
CA TYR B 20 -14.28 10.10 -1.67
C TYR B 20 -14.60 10.61 -0.25
N GLY B 21 -15.22 11.74 -0.15
CA GLY B 21 -15.68 12.22 1.16
C GLY B 21 -14.62 12.94 1.92
N ASN B 22 -13.43 13.16 1.36
CA ASN B 22 -12.33 13.90 2.06
C ASN B 22 -11.97 15.27 1.47
N ALA B 23 -12.54 15.60 0.30
CA ALA B 23 -12.15 16.77 -0.47
C ALA B 23 -13.39 17.46 -0.99
N PRO B 24 -14.02 18.28 -0.13
CA PRO B 24 -15.29 18.98 -0.50
C PRO B 24 -15.28 19.92 -1.72
N LEU B 25 -14.09 20.32 -2.22
CA LEU B 25 -14.02 21.24 -3.36
C LEU B 25 -13.54 20.49 -4.60
N THR B 26 -13.88 19.23 -4.69
CA THR B 26 -13.66 18.45 -5.84
C THR B 26 -14.91 17.73 -6.22
N ALA B 27 -14.96 17.24 -7.48
CA ALA B 27 -16.11 16.56 -8.00
C ALA B 27 -15.65 15.57 -9.01
N LEU B 28 -16.55 14.72 -9.41
CA LEU B 28 -16.24 13.71 -10.34
C LEU B 28 -17.33 13.56 -11.36
N VAL B 29 -16.91 13.57 -12.64
CA VAL B 29 -17.93 13.28 -13.68
C VAL B 29 -17.94 11.77 -13.96
N ASP B 30 -19.01 11.08 -13.60
CA ASP B 30 -19.04 9.65 -13.79
C ASP B 30 -19.02 9.28 -15.25
N LEU B 31 -18.13 8.37 -15.63
CA LEU B 31 -18.03 7.92 -16.99
C LEU B 31 -19.29 7.29 -17.57
N ASP B 32 -20.09 6.63 -16.74
CA ASP B 32 -21.25 5.89 -17.15
C ASP B 32 -20.98 5.03 -18.42
N SER B 33 -19.86 4.33 -18.43
CA SER B 33 -19.46 3.36 -19.46
C SER B 33 -19.10 4.00 -20.81
N HIS B 34 -18.95 5.30 -20.87
CA HIS B 34 -18.47 5.90 -22.12
C HIS B 34 -17.01 5.67 -22.20
N VAL B 35 -16.51 5.46 -23.42
CA VAL B 35 -15.07 5.31 -23.64
C VAL B 35 -14.54 6.62 -24.21
N ILE B 36 -13.62 7.28 -23.52
CA ILE B 36 -13.19 8.60 -23.96
C ILE B 36 -11.69 8.80 -23.88
N SER B 37 -11.23 9.86 -24.50
CA SER B 37 -9.81 10.16 -24.46
C SER B 37 -9.63 11.66 -24.63
N ASP B 38 -8.37 12.14 -24.64
CA ASP B 38 -8.10 13.54 -24.79
CA ASP B 38 -8.06 13.58 -24.81
C ASP B 38 -8.89 14.42 -23.86
N VAL B 39 -8.96 14.02 -22.60
CA VAL B 39 -9.82 14.72 -21.66
C VAL B 39 -9.13 16.01 -21.17
N LYS B 40 -9.86 17.09 -21.18
CA LYS B 40 -9.39 18.33 -20.60
C LYS B 40 -10.52 18.95 -19.70
N VAL B 41 -10.12 19.49 -18.54
CA VAL B 41 -11.10 20.15 -17.62
C VAL B 41 -10.70 21.61 -17.38
N THR B 42 -11.69 22.48 -17.31
CA THR B 42 -11.45 23.88 -17.05
C THR B 42 -12.39 24.38 -15.97
N VAL B 43 -11.87 24.86 -14.84
CA VAL B 43 -12.80 25.44 -13.81
C VAL B 43 -12.69 26.96 -13.95
N HIS B 44 -13.81 27.61 -14.20
CA HIS B 44 -13.74 29.04 -14.53
C HIS B 44 -13.49 29.90 -13.30
N GLY B 45 -12.75 31.00 -13.47
CA GLY B 45 -12.57 31.99 -12.43
C GLY B 45 -13.91 32.51 -11.89
N LYS B 46 -13.95 32.81 -10.58
CA LYS B 46 -15.09 33.46 -10.00
C LYS B 46 -14.87 34.98 -10.14
N GLY B 47 -15.88 35.69 -10.67
CA GLY B 47 -15.81 37.10 -10.89
C GLY B 47 -14.72 37.45 -11.88
N GLU B 48 -14.55 38.74 -12.04
CA GLU B 48 -13.69 39.43 -13.04
C GLU B 48 -12.21 39.05 -12.93
N LYS B 49 -11.69 39.06 -11.73
CA LYS B 49 -10.27 38.69 -11.51
C LYS B 49 -10.02 37.20 -11.08
N GLY B 50 -11.10 36.41 -11.02
CA GLY B 50 -11.00 35.00 -10.66
C GLY B 50 -10.02 34.22 -11.48
N VAL B 51 -9.28 33.35 -10.81
CA VAL B 51 -8.28 32.52 -11.53
C VAL B 51 -8.90 31.21 -12.10
N GLU B 52 -8.66 30.98 -13.37
CA GLU B 52 -9.12 29.80 -14.02
C GLU B 52 -8.16 28.71 -13.72
N ILE B 53 -8.70 27.51 -13.53
CA ILE B 53 -7.86 26.32 -13.36
C ILE B 53 -8.16 25.37 -14.47
N SER B 54 -7.10 24.98 -15.21
CA SER B 54 -7.24 24.09 -16.37
C SER B 54 -6.25 22.91 -16.40
N TYR B 55 -6.66 21.71 -16.78
CA TYR B 55 -5.73 20.57 -16.73
C TYR B 55 -6.20 19.44 -17.64
N PRO B 56 -5.23 18.71 -18.25
CA PRO B 56 -5.52 17.45 -18.89
C PRO B 56 -5.67 16.33 -17.84
N VAL B 57 -6.44 15.32 -18.18
CA VAL B 57 -6.61 14.14 -17.38
C VAL B 57 -6.23 12.90 -18.15
N GLY B 58 -5.25 12.16 -17.60
CA GLY B 58 -4.75 10.93 -18.20
C GLY B 58 -5.64 9.67 -18.07
N GLN B 59 -5.33 8.64 -18.88
CA GLN B 59 -6.15 7.38 -18.89
C GLN B 59 -6.20 6.64 -17.60
N GLU B 60 -5.05 6.55 -16.93
CA GLU B 60 -4.95 5.96 -15.63
C GLU B 60 -5.93 6.56 -14.64
N SER B 61 -6.04 7.89 -14.69
CA SER B 61 -6.89 8.58 -13.77
C SER B 61 -8.30 8.27 -14.12
N LEU B 62 -8.63 8.26 -15.42
CA LEU B 62 -10.04 7.98 -15.83
C LEU B 62 -10.49 6.61 -15.36
N LYS B 63 -9.57 5.66 -15.50
CA LYS B 63 -9.80 4.29 -15.06
C LYS B 63 -9.91 4.19 -13.56
N THR B 64 -9.02 4.87 -12.82
CA THR B 64 -9.00 4.76 -11.35
C THR B 64 -10.27 5.36 -10.74
N TYR B 65 -10.71 6.52 -11.25
CA TYR B 65 -11.89 7.17 -10.71
C TYR B 65 -13.15 6.73 -11.37
N ASP B 66 -13.04 6.02 -12.50
CA ASP B 66 -14.18 5.70 -13.28
C ASP B 66 -14.93 6.99 -13.63
N GLY B 67 -14.20 7.99 -14.09
CA GLY B 67 -14.79 9.30 -14.29
C GLY B 67 -13.75 10.39 -14.48
N VAL B 68 -14.22 11.61 -14.73
CA VAL B 68 -13.30 12.78 -14.88
C VAL B 68 -13.21 13.56 -13.59
N PRO B 69 -12.02 13.57 -13.02
CA PRO B 69 -11.87 14.32 -11.81
C PRO B 69 -11.97 15.85 -12.04
N ILE B 70 -12.72 16.52 -11.18
CA ILE B 70 -12.90 17.97 -11.19
C ILE B 70 -12.24 18.63 -9.95
N PHE B 71 -11.10 19.26 -10.17
CA PHE B 71 -10.29 19.86 -9.16
C PHE B 71 -10.33 21.42 -9.33
N GLY B 72 -10.43 22.13 -8.23
CA GLY B 72 -10.21 23.56 -8.20
C GLY B 72 -11.44 24.39 -8.00
N LEU B 73 -12.45 23.83 -7.39
CA LEU B 73 -13.69 24.52 -7.13
C LEU B 73 -13.58 25.56 -5.99
N TYR B 74 -14.49 26.51 -5.97
CA TYR B 74 -14.61 27.40 -4.89
C TYR B 74 -15.68 26.87 -3.91
N GLN B 75 -15.51 27.16 -2.62
CA GLN B 75 -16.54 26.85 -1.65
C GLN B 75 -17.85 27.63 -1.80
N LYS B 76 -18.89 26.96 -1.41
CA LYS B 76 -20.20 27.57 -1.35
C LYS B 76 -20.51 28.38 -2.60
N PHE B 77 -20.31 27.80 -3.78
CA PHE B 77 -20.38 28.52 -4.99
C PHE B 77 -20.99 27.68 -6.10
N ALA B 78 -21.63 28.35 -7.06
CA ALA B 78 -22.07 27.70 -8.27
C ALA B 78 -20.93 27.71 -9.27
N ASN B 79 -20.02 26.75 -9.16
CA ASN B 79 -18.85 26.69 -10.04
C ASN B 79 -19.24 26.36 -11.44
N LYS B 80 -18.54 26.98 -12.40
CA LYS B 80 -18.80 26.79 -13.79
C LYS B 80 -17.63 25.99 -14.32
N VAL B 81 -17.93 24.83 -14.88
CA VAL B 81 -16.87 23.85 -15.23
C VAL B 81 -17.14 23.40 -16.64
N THR B 82 -16.09 23.32 -17.42
CA THR B 82 -16.17 22.78 -18.74
C THR B 82 -15.31 21.53 -18.86
N VAL B 83 -15.88 20.53 -19.46
CA VAL B 83 -15.15 19.30 -19.75
C VAL B 83 -15.20 18.97 -21.22
N GLU B 84 -14.05 18.74 -21.78
CA GLU B 84 -13.91 18.46 -23.20
C GLU B 84 -13.25 17.10 -23.35
N TRP B 85 -13.71 16.35 -24.31
CA TRP B 85 -13.09 15.06 -24.61
C TRP B 85 -13.30 14.66 -26.05
N LYS B 86 -12.76 13.50 -26.36
CA LYS B 86 -13.00 12.83 -27.61
C LYS B 86 -13.61 11.47 -27.45
N GLU B 87 -14.61 11.17 -28.27
CA GLU B 87 -15.38 9.95 -28.17
C GLU B 87 -15.86 9.56 -29.54
N ASN B 88 -15.55 8.32 -29.95
CA ASN B 88 -15.87 7.77 -31.29
C ASN B 88 -15.30 8.64 -32.38
N GLY B 89 -14.07 9.07 -32.22
CA GLY B 89 -13.47 10.06 -33.11
C GLY B 89 -14.01 11.51 -33.10
N LYS B 90 -15.09 11.79 -32.36
CA LYS B 90 -15.79 13.09 -32.39
C LYS B 90 -15.45 13.98 -31.15
N VAL B 91 -15.12 15.23 -31.37
CA VAL B 91 -14.80 16.18 -30.29
C VAL B 91 -16.08 16.51 -29.53
N MET B 92 -16.00 16.54 -28.20
CA MET B 92 -17.20 16.59 -27.35
C MET B 92 -16.97 17.57 -26.22
N LYS B 93 -18.06 18.17 -25.74
CA LYS B 93 -17.97 19.19 -24.71
C LYS B 93 -19.21 19.34 -23.87
N ASP B 94 -19.02 19.48 -22.57
CA ASP B 94 -20.14 19.76 -21.69
C ASP B 94 -19.76 20.93 -20.80
N ASP B 95 -20.76 21.71 -20.46
CA ASP B 95 -20.65 22.69 -19.40
C ASP B 95 -21.51 22.28 -18.22
N TYR B 96 -20.95 22.34 -17.00
CA TYR B 96 -21.67 21.94 -15.82
C TYR B 96 -21.63 23.08 -14.85
N VAL B 97 -22.66 23.19 -14.06
CA VAL B 97 -22.65 24.08 -12.92
C VAL B 97 -22.57 23.14 -11.68
N VAL B 98 -21.47 23.22 -10.96
CA VAL B 98 -21.16 22.36 -9.87
C VAL B 98 -21.24 23.10 -8.59
N HIS B 99 -22.39 23.00 -7.87
CA HIS B 99 -22.51 23.60 -6.54
C HIS B 99 -21.72 22.88 -5.51
N THR B 100 -21.07 23.61 -4.64
CA THR B 100 -20.30 23.06 -3.53
C THR B 100 -20.84 23.45 -2.15
N SER B 101 -20.35 22.80 -1.09
CA SER B 101 -20.68 23.24 0.24
C SER B 101 -19.54 24.08 0.82
N ALA B 102 -19.62 24.33 2.11
CA ALA B 102 -18.64 25.09 2.86
C ALA B 102 -17.49 24.26 3.35
N ILE B 103 -16.36 24.92 3.58
CA ILE B 103 -15.18 24.41 4.34
C ILE B 103 -15.42 24.53 5.82
N VAL B 104 -15.13 23.51 6.62
CA VAL B 104 -15.39 23.53 8.08
C VAL B 104 -14.13 23.35 8.90
N ASN B 105 -13.92 24.21 9.87
CA ASN B 105 -12.84 24.04 10.83
C ASN B 105 -13.46 23.46 12.09
N ASN B 106 -13.17 22.16 12.34
CA ASN B 106 -13.78 21.43 13.49
C ASN B 106 -13.05 21.66 14.78
N TYR B 107 -12.04 22.52 14.78
CA TYR B 107 -11.24 22.77 15.97
C TYR B 107 -11.17 24.23 16.33
N MET B 108 -12.21 24.72 17.05
CA MET B 108 -12.25 26.09 17.42
C MET B 108 -12.53 26.27 18.90
N ASP B 109 -11.98 27.32 19.45
CA ASP B 109 -12.21 27.67 20.86
C ASP B 109 -12.06 29.19 21.06
N ASN B 110 -12.03 29.64 22.29
CA ASN B 110 -11.91 31.03 22.57
C ASN B 110 -10.68 31.69 22.05
N ARG B 111 -9.67 30.96 21.68
CA ARG B 111 -8.50 31.62 21.01
C ARG B 111 -8.74 31.88 19.52
N SER B 112 -9.82 31.33 18.96
CA SER B 112 -10.07 31.44 17.50
C SER B 112 -10.34 32.89 17.13
N ILE B 113 -9.55 33.43 16.19
CA ILE B 113 -9.78 34.71 15.61
C ILE B 113 -11.01 34.66 14.68
N SER B 114 -11.04 33.70 13.76
CA SER B 114 -12.27 33.26 13.12
C SER B 114 -12.07 31.78 12.68
N ASP B 115 -13.02 31.21 11.93
CA ASP B 115 -12.98 29.78 11.59
C ASP B 115 -11.82 29.43 10.59
N LEU B 116 -11.55 30.27 9.58
CA LEU B 116 -10.51 29.92 8.61
C LEU B 116 -9.33 30.84 8.68
N GLN B 117 -8.23 30.40 8.13
CA GLN B 117 -7.04 31.20 8.05
C GLN B 117 -7.21 32.29 6.95
N GLN B 118 -6.90 33.55 7.29
CA GLN B 118 -6.96 34.69 6.37
C GLN B 118 -5.77 34.77 5.43
N THR B 119 -6.05 35.12 4.20
CA THR B 119 -5.00 35.30 3.21
C THR B 119 -4.88 36.78 2.81
N LYS B 120 -3.68 37.19 2.45
CA LYS B 120 -3.47 38.57 2.00
C LYS B 120 -2.55 38.55 0.91
N VAL B 121 -3.03 38.88 -0.24
CA VAL B 121 -2.19 38.94 -1.43
C VAL B 121 -1.40 40.24 -1.42
N ILE B 122 -0.09 40.13 -1.52
CA ILE B 122 0.77 41.27 -1.42
C ILE B 122 1.34 41.64 -2.79
N LYS B 123 1.68 40.67 -3.62
CA LYS B 123 2.24 40.92 -4.93
C LYS B 123 2.06 39.70 -5.82
N VAL B 124 1.57 39.91 -7.04
CA VAL B 124 1.50 38.90 -8.07
C VAL B 124 2.00 39.50 -9.44
N ALA B 125 3.24 39.27 -9.82
CA ALA B 125 3.77 39.81 -11.09
C ALA B 125 3.07 39.21 -12.29
N PRO B 126 3.04 39.94 -13.40
CA PRO B 126 2.39 39.40 -14.60
C PRO B 126 3.04 38.07 -14.98
N GLY B 127 2.23 37.11 -15.40
CA GLY B 127 2.73 35.77 -15.73
C GLY B 127 2.73 34.76 -14.58
N PHE B 128 2.30 35.17 -13.40
CA PHE B 128 2.26 34.32 -12.28
C PHE B 128 0.85 34.24 -11.72
N GLU B 129 -0.13 34.70 -12.46
CA GLU B 129 -1.51 34.68 -11.98
C GLU B 129 -2.08 33.26 -11.78
N ASP B 130 -1.49 32.27 -12.46
CA ASP B 130 -2.00 30.89 -12.46
C ASP B 130 -1.48 30.01 -11.30
N ARG B 131 -0.53 30.50 -10.53
CA ARG B 131 0.14 29.65 -9.59
C ARG B 131 -0.78 29.20 -8.50
N LEU B 132 -0.63 27.94 -8.09
CA LEU B 132 -1.35 27.36 -6.96
C LEU B 132 -0.42 26.84 -5.89
N TYR B 133 -0.79 27.03 -4.62
CA TYR B 133 0.05 26.66 -3.51
C TYR B 133 -0.78 25.90 -2.48
N LEU B 134 -0.25 24.76 -2.08
CA LEU B 134 -0.86 23.88 -1.07
C LEU B 134 -0.22 24.25 0.19
N VAL B 135 -1.01 24.62 1.18
CA VAL B 135 -0.49 25.03 2.44
C VAL B 135 -0.75 23.98 3.53
N ASN B 136 0.37 23.51 4.10
CA ASN B 136 0.38 22.50 5.09
C ASN B 136 0.48 23.18 6.43
N THR B 137 -0.67 23.57 6.97
CA THR B 137 -0.70 24.21 8.28
C THR B 137 -1.66 23.50 9.21
N HIS B 138 -1.89 24.08 10.38
CA HIS B 138 -2.45 23.41 11.51
C HIS B 138 -3.12 24.34 12.49
N THR B 139 -3.90 23.79 13.37
CA THR B 139 -4.72 24.54 14.23
C THR B 139 -4.85 23.84 15.57
N PHE B 140 -4.66 24.56 16.66
CA PHE B 140 -4.62 24.01 18.00
C PHE B 140 -5.97 23.36 18.40
N THR B 141 -5.87 22.20 19.02
CA THR B 141 -7.04 21.53 19.58
C THR B 141 -7.33 22.18 20.92
N ALA B 142 -8.57 22.11 21.36
CA ALA B 142 -8.92 22.71 22.57
C ALA B 142 -8.17 22.14 23.79
N GLN B 143 -7.89 20.87 23.81
CA GLN B 143 -7.22 20.25 24.98
C GLN B 143 -5.70 20.33 24.96
N GLY B 144 -5.10 20.59 23.83
CA GLY B 144 -3.69 20.49 23.76
C GLY B 144 -3.27 19.03 23.96
N SER B 145 -2.01 18.83 24.22
CA SER B 145 -1.37 17.53 24.35
C SER B 145 -2.02 16.81 25.47
N ASP B 146 -2.60 15.65 25.20
CA ASP B 146 -3.29 14.88 26.20
C ASP B 146 -2.66 13.49 26.46
N LEU B 147 -1.74 13.04 25.59
CA LEU B 147 -1.14 11.75 25.72
C LEU B 147 0.39 11.72 25.67
N HIS B 148 0.96 10.74 26.41
CA HIS B 148 2.41 10.45 26.50
C HIS B 148 2.70 8.95 26.30
N TRP B 149 3.79 8.62 25.63
CA TRP B 149 4.31 7.29 25.76
C TRP B 149 4.82 7.05 27.16
N HIS B 150 4.57 5.87 27.70
CA HIS B 150 5.10 5.41 28.99
C HIS B 150 6.50 4.91 28.80
N GLY B 151 7.38 5.29 29.73
CA GLY B 151 8.83 5.05 29.62
C GLY B 151 9.26 4.03 30.68
N GLU B 152 10.55 3.93 30.86
CA GLU B 152 11.15 3.13 31.90
C GLU B 152 11.65 4.01 33.06
N LYS B 153 11.30 3.61 34.27
CA LYS B 153 11.77 4.29 35.48
C LYS B 153 13.30 4.31 35.51
N ASP B 154 13.90 5.45 35.81
CA ASP B 154 15.38 5.53 35.69
C ASP B 154 16.07 5.20 37.03
N LYS B 155 17.40 5.12 37.00
CA LYS B 155 18.17 4.63 38.15
C LYS B 155 17.83 5.38 39.45
N ASN B 156 17.63 6.69 39.34
CA ASN B 156 17.56 7.60 40.50
C ASN B 156 16.21 8.25 40.68
N ALA B 157 15.17 7.55 40.27
CA ALA B 157 13.82 8.02 40.40
C ALA B 157 13.41 7.75 41.82
N GLY B 158 12.36 8.36 42.31
CA GLY B 158 11.80 8.00 43.62
C GLY B 158 11.28 6.55 43.70
N ILE B 159 11.27 5.99 44.90
CA ILE B 159 10.86 4.61 45.07
C ILE B 159 9.36 4.54 44.79
N LEU B 160 8.61 5.49 45.32
CA LEU B 160 7.16 5.47 45.18
C LEU B 160 6.70 5.97 43.80
N ASP B 161 7.58 6.60 43.00
CA ASP B 161 7.19 7.38 41.82
C ASP B 161 6.62 6.52 40.70
N ALA B 162 5.57 7.04 40.05
CA ALA B 162 5.00 6.45 38.88
C ALA B 162 6.08 6.48 37.77
N GLY B 163 5.91 5.65 36.75
CA GLY B 163 6.91 5.60 35.63
C GLY B 163 6.91 6.90 34.85
N PRO B 164 7.99 7.26 34.23
CA PRO B 164 8.07 8.46 33.45
C PRO B 164 7.54 8.31 32.04
N ALA B 165 7.49 9.44 31.35
CA ALA B 165 7.15 9.49 29.94
C ALA B 165 8.42 9.38 29.12
N THR B 166 8.26 9.16 27.81
CA THR B 166 9.33 9.01 26.87
C THR B 166 8.77 9.38 25.50
N GLY B 167 9.66 9.60 24.55
CA GLY B 167 9.26 9.92 23.20
C GLY B 167 8.49 11.26 23.01
N ALA B 168 7.70 11.34 21.95
CA ALA B 168 7.16 12.57 21.49
C ALA B 168 5.69 12.49 21.07
N LEU B 169 4.87 11.74 21.80
CA LEU B 169 3.50 11.61 21.50
C LEU B 169 2.68 12.90 21.59
N PRO B 170 3.05 13.84 22.45
CA PRO B 170 2.30 15.11 22.60
C PRO B 170 2.48 16.03 21.40
N PHE B 171 3.39 15.69 20.52
CA PHE B 171 3.52 16.41 19.24
C PHE B 171 2.36 16.16 18.28
N ASP B 172 1.24 16.79 18.61
CA ASP B 172 -0.04 16.39 18.12
C ASP B 172 -0.90 17.69 17.93
N ILE B 173 -1.58 17.83 16.82
CA ILE B 173 -2.30 19.05 16.46
C ILE B 173 -3.13 18.80 15.23
N ALA B 174 -4.30 19.44 15.16
CA ALA B 174 -5.19 19.32 14.03
C ALA B 174 -4.68 19.93 12.75
N PRO B 175 -4.88 19.25 11.63
CA PRO B 175 -4.38 19.80 10.39
C PRO B 175 -5.30 20.89 9.79
N PHE B 176 -4.70 21.79 9.00
CA PHE B 176 -5.42 22.85 8.29
C PHE B 176 -4.80 22.90 6.92
N THR B 177 -5.45 22.32 5.94
CA THR B 177 -4.78 21.90 4.67
C THR B 177 -5.60 22.34 3.52
N PHE B 178 -5.01 23.24 2.71
CA PHE B 178 -5.74 23.88 1.59
C PHE B 178 -4.82 24.32 0.50
N ILE B 179 -5.40 24.58 -0.65
CA ILE B 179 -4.68 25.18 -1.75
C ILE B 179 -5.20 26.63 -1.92
N VAL B 180 -4.28 27.57 -2.04
CA VAL B 180 -4.66 28.95 -2.27
C VAL B 180 -4.24 29.39 -3.67
N ASP B 181 -5.07 30.20 -4.34
CA ASP B 181 -4.67 30.80 -5.59
C ASP B 181 -4.13 32.27 -5.41
N THR B 182 -3.76 32.89 -6.54
CA THR B 182 -3.18 34.23 -6.50
C THR B 182 -4.14 35.35 -6.22
N GLU B 183 -5.43 35.04 -6.17
CA GLU B 183 -6.42 36.02 -5.63
C GLU B 183 -6.68 35.77 -4.20
N GLY B 184 -5.97 34.81 -3.62
CA GLY B 184 -6.11 34.45 -2.20
C GLY B 184 -7.34 33.60 -1.83
N GLU B 185 -7.98 32.99 -2.82
CA GLU B 185 -9.09 32.10 -2.62
C GLU B 185 -8.66 30.66 -2.38
N TYR B 186 -9.44 29.99 -1.53
CA TYR B 186 -9.22 28.60 -1.23
C TYR B 186 -9.73 27.85 -2.40
N ARG B 187 -8.84 27.07 -3.08
CA ARG B 187 -9.25 26.30 -4.27
C ARG B 187 -9.29 24.76 -4.05
N TRP B 188 -9.01 24.33 -2.81
CA TRP B 188 -8.98 22.89 -2.37
C TRP B 188 -8.89 22.84 -0.88
N TRP B 189 -9.55 21.86 -0.29
CA TRP B 189 -9.55 21.60 1.12
C TRP B 189 -9.51 20.10 1.43
N LEU B 190 -8.63 19.70 2.35
CA LEU B 190 -8.58 18.32 2.82
C LEU B 190 -9.28 18.25 4.17
N ASP B 191 -10.38 17.57 4.18
CA ASP B 191 -11.19 17.48 5.36
C ASP B 191 -10.29 17.08 6.53
N GLN B 192 -10.45 17.73 7.65
CA GLN B 192 -9.62 17.45 8.76
C GLN B 192 -9.78 15.95 9.29
N ASP B 193 -10.96 15.38 9.19
CA ASP B 193 -11.27 14.00 9.54
C ASP B 193 -10.63 12.96 8.61
N THR B 194 -10.02 13.37 7.52
CA THR B 194 -9.41 12.44 6.60
C THR B 194 -8.38 11.61 7.36
N PHE B 195 -7.59 12.24 8.19
CA PHE B 195 -6.50 11.56 8.94
C PHE B 195 -6.56 11.76 10.42
N TYR B 196 -7.28 12.80 10.90
CA TYR B 196 -7.15 13.27 12.24
C TYR B 196 -8.48 13.21 12.99
N ASP B 197 -8.36 12.93 14.23
CA ASP B 197 -9.51 12.97 15.12
C ASP B 197 -9.06 13.31 16.54
N GLY B 198 -9.14 14.59 16.86
CA GLY B 198 -8.60 15.06 18.05
C GLY B 198 -9.50 14.89 19.27
N ARG B 199 -10.76 14.54 19.05
CA ARG B 199 -11.72 14.40 20.15
C ARG B 199 -11.83 12.91 20.58
N ASP B 200 -11.50 11.98 19.72
CA ASP B 200 -11.33 10.61 20.12
C ASP B 200 -9.96 10.31 20.67
N ARG B 201 -9.79 9.15 21.30
CA ARG B 201 -8.46 8.78 21.76
C ARG B 201 -7.89 7.53 21.09
N ASP B 202 -8.08 7.48 19.80
CA ASP B 202 -7.49 6.53 19.02
C ASP B 202 -6.18 7.15 18.44
N ILE B 203 -5.08 6.68 18.94
CA ILE B 203 -3.78 7.15 18.54
C ILE B 203 -3.52 6.97 17.06
N ASN B 204 -4.23 6.07 16.42
CA ASN B 204 -4.09 5.91 14.96
C ASN B 204 -4.51 7.17 14.16
N LYS B 205 -5.30 8.03 14.78
CA LYS B 205 -5.72 9.27 14.14
C LYS B 205 -5.18 10.49 14.85
N ARG B 206 -3.99 10.37 15.48
CA ARG B 206 -3.35 11.46 16.17
C ARG B 206 -1.98 11.74 15.56
N GLY B 207 -1.47 12.92 15.81
CA GLY B 207 -0.09 13.32 15.44
C GLY B 207 -0.08 14.63 14.71
N TYR B 208 0.93 14.86 13.87
CA TYR B 208 1.13 16.16 13.30
C TYR B 208 1.33 15.97 11.79
N LEU B 209 0.28 16.26 11.04
CA LEU B 209 0.31 15.94 9.59
C LEU B 209 1.39 16.76 8.90
N MET B 210 2.43 16.08 8.40
CA MET B 210 3.57 16.77 7.83
C MET B 210 4.19 16.00 6.69
N GLY B 211 5.17 16.62 6.11
CA GLY B 211 6.02 15.94 5.15
C GLY B 211 5.25 15.67 3.90
N ILE B 212 4.33 16.56 3.54
CA ILE B 212 3.52 16.38 2.32
C ILE B 212 4.39 16.67 1.09
N ARG B 213 4.68 15.63 0.31
CA ARG B 213 5.57 15.64 -0.84
C ARG B 213 5.00 14.90 -2.03
N GLU B 214 5.17 15.49 -3.21
CA GLU B 214 4.66 14.91 -4.41
C GLU B 214 5.43 13.61 -4.79
N THR B 215 4.72 12.75 -5.47
CA THR B 215 5.27 11.46 -5.89
C THR B 215 5.47 11.55 -7.38
N PRO B 216 6.14 10.58 -7.95
CA PRO B 216 6.20 10.47 -9.43
C PRO B 216 4.87 10.24 -10.13
N ARG B 217 3.81 9.90 -9.41
CA ARG B 217 2.54 9.68 -10.01
C ARG B 217 1.63 10.90 -9.87
N GLY B 218 2.13 12.03 -9.35
CA GLY B 218 1.31 13.21 -9.14
C GLY B 218 0.45 13.13 -7.86
N THR B 219 0.69 12.08 -7.07
CA THR B 219 0.01 12.01 -5.79
C THR B 219 0.95 12.50 -4.74
N PHE B 220 0.54 12.44 -3.49
CA PHE B 220 1.36 12.87 -2.40
C PHE B 220 1.53 11.85 -1.24
N THR B 221 2.68 11.87 -0.60
CA THR B 221 2.88 11.17 0.68
C THR B 221 2.88 12.12 1.80
N ALA B 222 2.51 11.62 2.98
CA ALA B 222 2.50 12.40 4.23
C ALA B 222 2.79 11.52 5.44
N VAL B 223 3.19 12.09 6.56
CA VAL B 223 3.23 11.36 7.78
C VAL B 223 2.30 11.96 8.84
N GLN B 224 1.80 11.10 9.73
CA GLN B 224 1.11 11.62 10.91
C GLN B 224 1.20 10.62 12.02
N GLY B 225 1.98 10.96 13.01
CA GLY B 225 2.02 10.23 14.30
C GLY B 225 2.70 8.89 14.05
N GLN B 226 1.88 7.85 14.08
CA GLN B 226 2.38 6.49 13.91
C GLN B 226 2.07 5.86 12.59
N HIS B 227 1.63 6.66 11.63
CA HIS B 227 1.25 6.20 10.30
C HIS B 227 1.88 7.06 9.24
N TRP B 228 1.98 6.49 8.08
CA TRP B 228 2.32 7.20 6.87
C TRP B 228 1.34 6.91 5.77
N TYR B 229 1.19 7.90 4.86
CA TYR B 229 0.05 7.91 3.92
C TYR B 229 0.49 8.33 2.53
N GLU B 230 -0.31 7.94 1.55
CA GLU B 230 -0.29 8.46 0.19
C GLU B 230 -1.76 8.86 -0.11
N PHE B 231 -1.99 10.04 -0.62
CA PHE B 231 -3.32 10.50 -1.04
C PHE B 231 -3.24 11.25 -2.36
N ASP B 232 -4.38 11.47 -3.01
CA ASP B 232 -4.36 12.18 -4.26
C ASP B 232 -5.25 13.37 -4.14
N MET B 233 -5.33 14.16 -5.20
CA MET B 233 -6.09 15.39 -5.16
C MET B 233 -7.59 15.29 -5.17
N MET B 234 -8.14 14.11 -5.41
CA MET B 234 -9.55 13.86 -5.16
C MET B 234 -9.82 13.48 -3.72
N GLY B 235 -8.81 13.43 -2.91
CA GLY B 235 -9.09 13.14 -1.50
C GLY B 235 -9.16 11.64 -1.20
N GLN B 236 -8.60 10.85 -2.09
CA GLN B 236 -8.59 9.42 -1.93
C GLN B 236 -7.35 9.12 -1.16
N VAL B 237 -7.48 8.39 -0.08
CA VAL B 237 -6.32 7.83 0.64
C VAL B 237 -5.85 6.57 -0.05
N LEU B 238 -4.73 6.63 -0.76
CA LEU B 238 -4.24 5.48 -1.56
C LEU B 238 -3.43 4.44 -0.74
N GLU B 239 -2.76 4.90 0.30
CA GLU B 239 -2.05 4.05 1.24
C GLU B 239 -2.17 4.59 2.63
N ASP B 240 -2.22 3.69 3.56
CA ASP B 240 -2.26 3.99 4.96
C ASP B 240 -1.50 2.89 5.65
N HIS B 241 -0.31 3.15 6.12
CA HIS B 241 0.56 2.15 6.76
C HIS B 241 0.91 2.50 8.19
N LYS B 242 0.77 1.55 9.08
CA LYS B 242 1.38 1.67 10.39
C LYS B 242 2.90 1.69 10.26
N LEU B 243 3.58 2.42 11.14
CA LEU B 243 5.05 2.37 11.18
C LEU B 243 5.41 0.94 11.54
N PRO B 244 6.55 0.46 11.06
CA PRO B 244 7.01 -0.82 11.59
C PRO B 244 7.10 -0.80 13.12
N ARG B 245 6.89 -1.95 13.73
CA ARG B 245 6.74 -2.05 15.17
C ARG B 245 7.97 -1.50 15.94
N GLY B 246 9.16 -1.51 15.34
CA GLY B 246 10.27 -1.00 16.13
C GLY B 246 10.33 0.52 16.24
N PHE B 247 9.44 1.19 15.53
CA PHE B 247 9.52 2.68 15.41
C PHE B 247 8.26 3.45 15.78
N ALA B 248 8.40 4.74 15.94
CA ALA B 248 7.34 5.63 16.40
C ALA B 248 7.60 7.09 15.94
N ASP B 249 6.58 7.94 16.08
CA ASP B 249 6.71 9.40 16.01
C ASP B 249 7.36 9.83 14.70
N ALA B 250 6.66 9.62 13.59
CA ALA B 250 7.10 10.00 12.30
C ALA B 250 6.67 11.48 12.07
N THR B 251 7.61 12.32 11.70
CA THR B 251 7.35 13.72 11.54
C THR B 251 8.17 14.30 10.40
N HIS B 252 7.78 15.51 10.01
CA HIS B 252 8.62 16.45 9.26
C HIS B 252 8.73 16.17 7.81
N GLU B 253 8.90 14.91 7.44
CA GLU B 253 9.21 14.56 6.03
C GLU B 253 8.78 13.17 5.62
N SER B 254 8.50 13.00 4.34
CA SER B 254 8.37 11.69 3.78
C SER B 254 8.63 11.92 2.35
N ILE B 255 9.48 11.15 1.69
CA ILE B 255 9.70 11.42 0.28
C ILE B 255 9.80 10.10 -0.45
N GLU B 256 9.06 9.94 -1.52
CA GLU B 256 9.22 8.74 -2.33
C GLU B 256 10.46 8.83 -3.26
N THR B 257 11.23 7.74 -3.38
CA THR B 257 12.48 7.69 -4.23
C THR B 257 12.14 7.11 -5.60
N PRO B 258 13.06 7.07 -6.52
CA PRO B 258 12.80 6.49 -7.85
C PRO B 258 12.73 4.99 -7.82
N ASN B 259 13.03 4.38 -6.70
CA ASN B 259 13.04 2.95 -6.54
C ASN B 259 11.74 2.43 -5.98
N GLY B 260 10.73 3.29 -5.91
CA GLY B 260 9.46 2.89 -5.30
C GLY B 260 9.45 2.75 -3.80
N THR B 261 10.50 3.17 -3.13
CA THR B 261 10.48 3.19 -1.66
C THR B 261 10.16 4.59 -1.10
N VAL B 262 10.04 4.70 0.19
CA VAL B 262 9.78 5.96 0.85
C VAL B 262 10.68 6.20 2.03
N LEU B 263 11.25 7.41 2.12
CA LEU B 263 12.07 7.74 3.21
C LEU B 263 11.26 8.42 4.24
N LEU B 264 11.42 8.02 5.51
CA LEU B 264 10.71 8.58 6.63
C LEU B 264 11.63 8.96 7.77
N ARG B 265 11.14 9.85 8.65
CA ARG B 265 11.97 10.30 9.77
C ARG B 265 11.19 9.92 11.01
N VAL B 266 11.77 9.07 11.84
CA VAL B 266 11.05 8.50 12.94
C VAL B 266 11.93 8.57 14.11
N GLY B 267 11.45 8.03 15.21
CA GLY B 267 12.31 7.59 16.33
C GLY B 267 12.20 6.10 16.65
N LYS B 268 13.12 5.59 17.46
CA LYS B 268 13.17 4.18 17.74
C LYS B 268 12.56 3.96 19.12
N SER B 269 11.50 3.17 19.18
CA SER B 269 10.92 2.80 20.52
C SER B 269 11.68 1.63 21.18
N ASN B 270 11.63 1.56 22.50
CA ASN B 270 12.45 0.57 23.22
C ASN B 270 13.89 0.51 22.74
N TYR B 271 14.49 1.67 22.57
CA TYR B 271 15.86 1.79 22.24
C TYR B 271 16.59 1.62 23.57
N ARG B 272 17.51 0.65 23.61
CA ARG B 272 18.27 0.30 24.83
C ARG B 272 19.52 1.16 24.85
N ARG B 273 19.61 2.06 25.80
CA ARG B 273 20.81 2.88 25.96
C ARG B 273 21.91 2.04 26.62
N ASP B 274 23.14 2.55 26.60
CA ASP B 274 24.34 1.88 27.19
C ASP B 274 24.20 1.69 28.69
N ASP B 275 23.64 2.63 29.40
CA ASP B 275 23.30 2.39 30.78
C ASP B 275 22.13 1.46 30.99
N GLY B 276 21.58 0.90 29.91
CA GLY B 276 20.50 -0.12 29.98
C GLY B 276 19.08 0.41 30.15
N VAL B 277 18.92 1.72 30.16
CA VAL B 277 17.59 2.32 30.20
C VAL B 277 17.01 2.33 28.78
N HIS B 278 15.73 1.97 28.71
CA HIS B 278 14.98 1.96 27.44
C HIS B 278 14.26 3.28 27.30
N VAL B 279 14.34 3.87 26.12
CA VAL B 279 13.65 5.11 25.79
C VAL B 279 13.15 5.03 24.36
N THR B 280 12.22 5.91 24.02
CA THR B 280 11.88 6.14 22.65
C THR B 280 12.73 7.31 22.21
N THR B 281 13.59 7.12 21.21
CA THR B 281 14.40 8.17 20.81
C THR B 281 13.57 9.23 20.05
N ILE B 282 14.16 10.42 19.86
CA ILE B 282 13.50 11.61 19.28
C ILE B 282 14.18 12.02 18.00
N ARG B 283 13.44 11.93 16.89
CA ARG B 283 13.77 12.56 15.62
C ARG B 283 15.17 12.22 15.07
N ASP B 284 15.61 10.98 15.31
CA ASP B 284 17.06 10.60 15.04
C ASP B 284 17.26 9.29 14.31
N HIS B 285 16.22 8.85 13.58
CA HIS B 285 16.29 7.66 12.78
C HIS B 285 15.61 7.90 11.47
N ILE B 286 16.19 7.35 10.44
CA ILE B 286 15.65 7.36 9.12
C ILE B 286 15.28 5.92 8.64
N LEU B 287 14.06 5.75 8.12
CA LEU B 287 13.64 4.47 7.52
C LEU B 287 13.51 4.62 6.09
N GLU B 288 13.83 3.54 5.39
CA GLU B 288 13.40 3.38 3.99
C GLU B 288 12.45 2.20 3.99
N VAL B 289 11.20 2.46 3.60
CA VAL B 289 10.15 1.48 3.55
C VAL B 289 9.62 1.31 2.16
N ASP B 290 9.14 0.11 1.83
CA ASP B 290 8.55 -0.18 0.59
C ASP B 290 7.06 0.06 0.66
N LYS B 291 6.36 -0.10 -0.44
CA LYS B 291 4.89 0.08 -0.42
C LYS B 291 4.06 -1.05 0.26
N SER B 292 4.73 -2.11 0.69
CA SER B 292 4.17 -3.10 1.60
C SER B 292 4.39 -2.68 3.03
N GLY B 293 5.04 -1.51 3.24
CA GLY B 293 5.31 -0.99 4.62
C GLY B 293 6.44 -1.69 5.37
N ARG B 294 7.15 -2.53 4.66
CA ARG B 294 8.26 -3.26 5.20
C ARG B 294 9.50 -2.38 5.21
N VAL B 295 10.38 -2.57 6.20
CA VAL B 295 11.64 -1.87 6.24
C VAL B 295 12.66 -2.44 5.27
N VAL B 296 13.14 -1.58 4.38
CA VAL B 296 14.22 -1.87 3.36
C VAL B 296 15.58 -1.48 3.96
N ASP B 297 15.60 -0.43 4.77
CA ASP B 297 16.83 -0.03 5.45
C ASP B 297 16.60 0.95 6.59
N VAL B 298 17.56 1.04 7.51
CA VAL B 298 17.41 2.00 8.60
C VAL B 298 18.72 2.71 8.85
N TRP B 299 18.63 4.01 9.15
CA TRP B 299 19.80 4.74 9.60
C TRP B 299 19.57 5.15 11.03
N ASP B 300 20.37 4.59 11.93
CA ASP B 300 20.35 5.01 13.32
C ASP B 300 21.39 6.11 13.50
N LEU B 301 20.91 7.35 13.69
CA LEU B 301 21.82 8.48 13.69
C LEU B 301 22.63 8.62 14.96
N THR B 302 22.18 7.95 16.01
CA THR B 302 22.90 7.95 17.28
C THR B 302 24.21 7.16 17.19
N LYS B 303 24.42 6.39 16.14
CA LYS B 303 25.67 5.67 15.98
C LYS B 303 26.40 6.21 14.79
N ILE B 304 25.89 7.22 14.12
CA ILE B 304 26.57 7.75 12.94
C ILE B 304 27.07 9.20 13.22
N LEU B 305 26.25 10.01 13.86
CA LEU B 305 26.63 11.36 14.24
C LEU B 305 26.98 11.39 15.67
N ASP B 306 27.00 12.58 16.28
CA ASP B 306 27.46 12.69 17.64
C ASP B 306 26.43 13.33 18.54
N PRO B 307 25.73 12.51 19.32
CA PRO B 307 24.67 12.96 20.16
C PRO B 307 25.11 13.72 21.39
N LYS B 308 26.42 13.83 21.56
CA LYS B 308 27.03 14.60 22.66
C LYS B 308 27.47 16.03 22.23
N ARG B 309 27.46 16.31 20.94
CA ARG B 309 27.77 17.64 20.43
C ARG B 309 26.71 18.67 20.76
N ASP B 310 27.04 19.55 21.70
CA ASP B 310 26.16 20.62 22.15
C ASP B 310 26.49 22.05 21.67
N ALA B 311 27.35 22.15 20.66
CA ALA B 311 27.75 23.41 20.14
C ALA B 311 26.60 24.29 19.76
N LEU B 312 25.69 23.77 18.96
CA LEU B 312 24.47 24.51 18.59
C LEU B 312 23.35 24.45 19.64
N LEU B 313 23.17 23.28 20.25
CA LEU B 313 22.11 23.09 21.27
C LEU B 313 22.18 24.12 22.37
N GLY B 314 23.39 24.36 22.84
CA GLY B 314 23.61 25.31 23.95
C GLY B 314 23.42 26.78 23.58
N ALA B 315 23.35 27.05 22.28
CA ALA B 315 23.12 28.38 21.75
C ALA B 315 21.64 28.68 21.36
N LEU B 316 20.67 27.87 21.79
CA LEU B 316 19.33 28.00 21.16
C LEU B 316 18.42 28.80 22.02
N ASP B 317 17.34 29.28 21.38
CA ASP B 317 16.24 30.01 22.01
C ASP B 317 15.27 28.98 22.68
N ALA B 318 14.88 29.27 23.92
CA ALA B 318 13.80 28.54 24.66
C ALA B 318 12.44 28.51 23.90
N GLY B 319 11.83 29.70 23.76
CA GLY B 319 10.55 29.94 23.08
C GLY B 319 10.14 28.94 22.01
N ALA B 320 11.11 28.53 21.18
CA ALA B 320 10.92 27.62 20.03
C ALA B 320 11.62 26.27 20.24
N ALA B 328 6.54 32.87 26.31
CA ALA B 328 6.80 33.15 27.72
C ALA B 328 8.31 33.28 28.01
N HIS B 329 9.12 32.38 27.46
CA HIS B 329 10.60 32.42 27.61
C HIS B 329 11.29 32.53 26.24
N ALA B 330 11.51 33.74 25.75
CA ALA B 330 12.30 33.97 24.50
C ALA B 330 13.61 34.73 24.82
N GLY B 331 14.46 34.94 23.79
CA GLY B 331 15.80 35.51 23.99
C GLY B 331 16.64 34.65 24.94
N GLN B 332 15.97 33.84 25.75
CA GLN B 332 16.61 32.96 26.75
C GLN B 332 17.40 31.89 25.99
N GLN B 333 18.73 32.08 25.99
CA GLN B 333 19.67 31.11 25.46
C GLN B 333 19.51 29.81 26.28
N ALA B 334 19.58 28.68 25.59
CA ALA B 334 19.21 27.40 26.19
C ALA B 334 20.30 26.98 27.14
N LYS B 335 19.93 26.65 28.37
CA LYS B 335 20.90 26.18 29.35
C LYS B 335 20.78 24.64 29.54
N LEU B 336 21.61 23.89 28.84
CA LEU B 336 21.60 22.44 28.99
C LEU B 336 21.91 22.03 30.41
N GLU B 337 21.16 21.04 30.88
CA GLU B 337 21.33 20.39 32.17
C GLU B 337 21.65 18.91 31.97
N PRO B 338 22.54 18.36 32.79
CA PRO B 338 22.93 16.95 32.70
C PRO B 338 21.80 15.95 33.17
N ASP B 339 20.86 16.45 33.97
CA ASP B 339 19.70 15.67 34.53
C ASP B 339 18.32 15.90 33.79
N THR B 340 18.39 16.42 32.58
CA THR B 340 17.17 16.66 31.84
C THR B 340 16.55 15.30 31.63
N PRO B 341 15.30 15.10 32.11
CA PRO B 341 14.59 13.86 31.88
C PRO B 341 14.44 13.56 30.39
N PHE B 342 14.42 12.27 30.05
CA PHE B 342 14.26 11.89 28.66
C PHE B 342 12.94 12.34 28.12
N GLY B 343 12.93 12.69 26.83
CA GLY B 343 11.73 13.23 26.27
C GLY B 343 12.04 14.14 25.13
N ASP B 344 11.01 14.83 24.64
CA ASP B 344 11.14 15.73 23.49
C ASP B 344 11.60 17.02 24.18
N ALA B 345 12.92 17.14 24.42
CA ALA B 345 13.53 18.19 25.20
C ALA B 345 14.91 18.36 24.68
N LEU B 346 15.33 19.63 24.52
CA LEU B 346 16.69 19.99 24.15
C LEU B 346 17.70 19.39 25.11
N GLY B 347 18.69 18.70 24.57
CA GLY B 347 19.51 17.91 25.39
C GLY B 347 20.36 17.09 24.48
N VAL B 348 21.44 16.55 25.06
CA VAL B 348 22.31 15.63 24.38
C VAL B 348 21.88 14.21 24.68
N GLY B 349 22.30 13.27 23.80
CA GLY B 349 22.12 11.85 24.02
C GLY B 349 20.81 11.24 23.57
N PRO B 350 20.85 9.93 23.30
CA PRO B 350 19.68 9.19 22.82
C PRO B 350 18.61 9.26 23.81
N GLY B 351 17.41 9.73 23.39
CA GLY B 351 16.30 9.93 24.30
C GLY B 351 15.98 11.40 24.59
N ARG B 352 16.84 12.27 24.09
CA ARG B 352 16.62 13.68 24.07
C ARG B 352 16.69 14.21 22.63
N ASN B 353 16.35 15.48 22.47
CA ASN B 353 16.22 16.03 21.18
C ASN B 353 17.50 16.67 20.74
N TRP B 354 18.50 15.81 20.50
CA TRP B 354 19.86 16.23 20.19
C TRP B 354 20.11 16.51 18.75
N ALA B 355 19.23 15.99 17.89
CA ALA B 355 19.40 16.08 16.44
C ALA B 355 18.26 16.83 15.75
N HIS B 356 17.02 16.45 16.05
CA HIS B 356 15.85 17.04 15.39
C HIS B 356 16.02 17.10 13.89
N VAL B 357 16.16 15.93 13.28
CA VAL B 357 16.25 15.84 11.85
C VAL B 357 14.87 16.23 11.25
N ASN B 358 14.87 17.11 10.22
CA ASN B 358 13.64 17.68 9.70
C ASN B 358 13.51 17.69 8.21
N SER B 359 14.44 17.08 7.51
CA SER B 359 14.24 16.89 6.08
C SER B 359 15.22 15.81 5.56
N ILE B 360 14.88 15.26 4.43
CA ILE B 360 15.59 14.23 3.81
C ILE B 360 15.55 14.41 2.31
N ALA B 361 16.67 14.15 1.66
CA ALA B 361 16.72 14.18 0.24
C ALA B 361 17.47 12.94 -0.18
N TYR B 362 17.06 12.35 -1.31
CA TYR B 362 17.73 11.16 -1.77
C TYR B 362 18.67 11.50 -2.89
N ASP B 363 19.88 10.99 -2.83
CA ASP B 363 20.82 11.23 -3.91
C ASP B 363 20.98 9.96 -4.71
N ALA B 364 20.36 9.93 -5.87
CA ALA B 364 20.31 8.71 -6.67
C ALA B 364 21.68 8.36 -7.31
N LYS B 365 22.47 9.37 -7.63
CA LYS B 365 23.73 9.16 -8.31
C LYS B 365 24.65 8.22 -7.54
N ASP B 366 24.55 8.25 -6.22
CA ASP B 366 25.39 7.41 -5.36
C ASP B 366 24.66 6.76 -4.18
N ASP B 367 23.33 6.66 -4.28
CA ASP B 367 22.52 5.91 -3.32
C ASP B 367 22.82 6.34 -1.87
N SER B 368 22.71 7.64 -1.62
CA SER B 368 22.91 8.20 -0.27
C SER B 368 21.77 9.16 0.09
N ILE B 369 21.75 9.59 1.33
CA ILE B 369 20.72 10.49 1.80
C ILE B 369 21.32 11.75 2.40
N ILE B 370 20.68 12.90 2.15
CA ILE B 370 21.13 14.15 2.73
C ILE B 370 20.08 14.53 3.73
N LEU B 371 20.52 14.74 4.97
CA LEU B 371 19.64 15.12 6.08
C LEU B 371 19.90 16.54 6.61
N SER B 372 18.84 17.23 7.02
CA SER B 372 18.95 18.44 7.81
C SER B 372 18.70 18.08 9.23
N SER B 373 19.72 18.23 10.07
CA SER B 373 19.57 18.17 11.50
C SER B 373 19.46 19.55 12.07
N ARG B 374 18.29 19.90 12.56
CA ARG B 374 18.10 21.23 13.06
C ARG B 374 19.20 21.63 14.03
N HIS B 375 19.59 20.69 14.88
CA HIS B 375 20.48 20.99 16.01
C HIS B 375 21.92 20.67 15.79
N GLN B 376 22.31 20.34 14.56
CA GLN B 376 23.66 19.87 14.29
C GLN B 376 24.17 20.29 12.94
N GLY B 377 23.31 20.37 11.94
CA GLY B 377 23.79 20.75 10.64
C GLY B 377 23.17 19.96 9.53
N VAL B 378 23.77 20.01 8.37
CA VAL B 378 23.35 19.24 7.22
C VAL B 378 24.43 18.21 6.92
N VAL B 379 24.00 17.00 6.60
CA VAL B 379 24.93 15.88 6.45
C VAL B 379 24.49 14.95 5.32
N LYS B 380 25.49 14.43 4.60
CA LYS B 380 25.29 13.33 3.68
C LYS B 380 25.68 12.00 4.30
N ILE B 381 24.77 11.03 4.36
CA ILE B 381 25.10 9.70 4.88
C ILE B 381 24.95 8.66 3.76
N GLY B 382 25.93 7.79 3.57
CA GLY B 382 25.92 6.84 2.48
C GLY B 382 25.07 5.63 2.85
N ARG B 383 24.81 4.80 1.85
CA ARG B 383 24.15 3.52 2.00
C ARG B 383 24.87 2.67 3.03
N ASP B 384 26.20 2.85 3.07
CA ASP B 384 27.09 2.16 4.00
C ASP B 384 27.07 2.68 5.41
N LYS B 385 26.14 3.60 5.72
CA LYS B 385 25.99 4.17 7.03
C LYS B 385 27.22 4.93 7.54
N GLN B 386 28.04 5.42 6.62
CA GLN B 386 29.13 6.36 6.95
CA GLN B 386 29.11 6.32 6.87
C GLN B 386 28.82 7.78 6.43
N VAL B 387 29.19 8.76 7.24
CA VAL B 387 29.10 10.17 6.88
C VAL B 387 30.02 10.50 5.73
N LYS B 388 29.47 11.11 4.72
CA LYS B 388 30.26 11.51 3.54
C LYS B 388 30.72 12.94 3.65
N TRP B 389 29.83 13.84 4.06
CA TRP B 389 30.25 15.19 4.34
C TRP B 389 29.32 15.84 5.32
N ILE B 390 29.80 16.91 5.94
CA ILE B 390 29.03 17.74 6.86
C ILE B 390 29.15 19.24 6.57
N LEU B 391 28.02 19.94 6.59
CA LEU B 391 27.96 21.34 6.29
C LEU B 391 27.51 22.02 7.58
N ALA B 392 28.46 22.64 8.27
CA ALA B 392 28.24 23.11 9.59
C ALA B 392 29.49 23.90 10.05
N PRO B 393 29.31 24.83 10.95
CA PRO B 393 30.39 25.40 11.71
C PRO B 393 31.23 24.29 12.39
N SER B 394 32.55 24.53 12.56
CA SER B 394 33.48 23.50 12.96
C SER B 394 33.49 23.28 14.45
N LYS B 395 32.99 24.22 15.22
CA LYS B 395 32.96 24.01 16.66
C LYS B 395 32.21 22.74 17.07
N GLY B 396 32.79 22.00 18.02
CA GLY B 396 32.16 20.87 18.68
C GLY B 396 32.41 19.52 18.05
N TRP B 397 32.73 19.50 16.77
CA TRP B 397 32.94 18.23 16.07
C TRP B 397 34.28 17.63 16.43
N GLU B 398 34.25 16.42 16.96
CA GLU B 398 35.43 15.62 17.25
C GLU B 398 35.89 14.90 15.98
N LYS B 399 37.12 14.42 16.02
CA LYS B 399 37.57 13.46 15.03
C LYS B 399 36.80 12.18 15.37
N PRO B 400 36.41 11.40 14.39
CA PRO B 400 36.74 11.53 13.00
C PRO B 400 35.77 12.39 12.17
N LEU B 401 34.68 12.85 12.76
CA LEU B 401 33.66 13.55 11.97
C LEU B 401 34.20 14.89 11.42
N ALA B 402 35.06 15.56 12.21
CA ALA B 402 35.73 16.81 11.79
C ALA B 402 36.38 16.71 10.38
N SER B 403 37.00 15.62 10.04
CA SER B 403 37.64 15.51 8.72
C SER B 403 36.64 15.57 7.56
N LYS B 404 35.33 15.49 7.89
CA LYS B 404 34.23 15.46 6.91
C LYS B 404 33.57 16.82 6.71
N LEU B 405 33.79 17.79 7.61
CA LEU B 405 33.37 19.15 7.38
C LEU B 405 33.77 19.67 5.97
N LEU B 406 32.83 20.28 5.25
CA LEU B 406 33.14 20.88 3.97
C LEU B 406 33.86 22.22 4.19
N LYS B 407 34.79 22.55 3.30
CA LYS B 407 35.60 23.80 3.43
C LYS B 407 35.02 24.85 2.49
N PRO B 408 34.65 26.01 3.07
CA PRO B 408 34.04 27.08 2.28
C PRO B 408 35.02 27.62 1.27
N VAL B 409 34.53 27.94 0.08
CA VAL B 409 35.35 28.56 -0.94
C VAL B 409 34.52 29.55 -1.75
N ASP B 410 35.22 30.45 -2.45
CA ASP B 410 34.62 31.49 -3.27
C ASP B 410 34.51 31.03 -4.70
N ALA B 411 34.03 31.91 -5.58
CA ALA B 411 33.81 31.56 -7.01
C ALA B 411 35.05 31.06 -7.75
N ASN B 412 36.23 31.46 -7.30
CA ASN B 412 37.49 31.08 -7.96
C ASN B 412 38.10 29.94 -7.25
N GLY B 413 37.47 29.50 -6.18
CA GLY B 413 37.92 28.29 -5.50
C GLY B 413 38.88 28.51 -4.35
N LYS B 414 39.06 29.74 -3.92
CA LYS B 414 40.00 30.03 -2.85
C LYS B 414 39.32 29.89 -1.51
N PRO B 415 39.96 29.21 -0.57
CA PRO B 415 39.43 29.13 0.81
C PRO B 415 38.93 30.47 1.38
N ILE B 416 37.86 30.37 2.17
CA ILE B 416 37.28 31.48 2.83
C ILE B 416 37.61 31.21 4.26
N THR B 417 37.99 32.25 4.98
CA THR B 417 38.38 32.07 6.36
C THR B 417 37.15 32.23 7.24
N CYS B 418 36.89 31.25 8.12
CA CYS B 418 35.78 31.33 9.07
C CYS B 418 36.26 30.87 10.43
N ASN B 419 35.71 31.42 11.49
CA ASN B 419 36.01 30.91 12.76
C ASN B 419 35.14 29.67 13.06
N GLU B 420 35.34 29.10 14.24
CA GLU B 420 34.71 27.83 14.61
C GLU B 420 33.18 27.99 14.83
N ASN B 421 32.72 29.24 15.05
CA ASN B 421 31.30 29.55 15.12
C ASN B 421 30.63 29.82 13.79
N GLY B 422 31.39 29.75 12.71
CA GLY B 422 30.84 29.96 11.38
C GLY B 422 30.88 31.36 10.80
N LEU B 423 31.28 32.33 11.61
CA LEU B 423 31.41 33.73 11.16
C LEU B 423 32.60 33.84 10.21
N CYS B 424 32.32 34.23 8.98
CA CYS B 424 33.36 34.29 7.96
C CYS B 424 33.88 35.71 7.81
N GLU B 425 35.08 35.82 7.27
CA GLU B 425 35.76 37.09 7.06
C GLU B 425 35.68 37.57 5.63
N ASN B 426 35.16 38.78 5.47
CA ASN B 426 35.14 39.44 4.17
C ASN B 426 34.55 38.55 3.14
N SER B 427 33.33 38.08 3.44
CA SER B 427 32.59 37.19 2.55
C SER B 427 31.08 37.25 2.84
N ASP B 428 30.29 37.00 1.82
CA ASP B 428 28.88 36.80 1.98
C ASP B 428 28.55 35.38 2.51
N PHE B 429 29.52 34.45 2.42
CA PHE B 429 29.33 33.10 2.83
C PHE B 429 28.99 33.03 4.32
N ASP B 430 27.93 32.24 4.59
CA ASP B 430 27.56 31.83 5.95
C ASP B 430 27.02 30.36 5.89
N PHE B 431 27.16 29.70 6.99
CA PHE B 431 26.54 28.40 7.14
C PHE B 431 25.04 28.57 7.45
N THR B 432 24.41 27.45 7.84
CA THR B 432 22.97 27.47 8.19
C THR B 432 22.82 27.09 9.63
N TYR B 433 21.79 27.59 10.27
CA TYR B 433 21.61 27.36 11.70
C TYR B 433 20.13 27.04 11.90
N THR B 434 19.88 25.95 12.60
CA THR B 434 18.50 25.44 12.81
C THR B 434 17.74 25.34 11.47
N GLN B 435 18.44 25.00 10.39
CA GLN B 435 17.83 24.97 9.07
C GLN B 435 16.74 23.91 8.82
N ASN B 436 16.01 24.09 7.72
CA ASN B 436 14.96 23.20 7.27
C ASN B 436 15.12 22.94 5.77
N THR B 437 14.49 21.87 5.29
CA THR B 437 14.52 21.49 3.88
C THR B 437 15.82 21.72 3.17
N ALA B 438 16.78 20.84 3.45
CA ALA B 438 18.02 20.74 2.67
C ALA B 438 17.80 19.83 1.49
N TRP B 439 17.38 20.36 0.38
CA TRP B 439 17.00 19.54 -0.76
C TRP B 439 17.92 19.74 -2.00
N ILE B 440 17.87 18.81 -2.94
CA ILE B 440 18.60 18.83 -4.18
C ILE B 440 17.77 19.52 -5.22
N SER B 441 18.27 20.58 -5.81
CA SER B 441 17.50 21.27 -6.84
C SER B 441 17.70 20.65 -8.20
N SER B 442 16.81 21.00 -9.13
CA SER B 442 16.92 20.59 -10.51
C SER B 442 18.22 21.09 -11.16
N LYS B 443 18.86 22.11 -10.61
CA LYS B 443 20.11 22.68 -11.15
C LYS B 443 21.30 21.88 -10.72
N GLY B 444 21.16 21.00 -9.76
CA GLY B 444 22.29 20.22 -9.24
C GLY B 444 22.97 20.83 -8.06
N THR B 445 22.24 21.60 -7.30
CA THR B 445 22.78 22.28 -6.17
C THR B 445 21.94 21.90 -4.95
N LEU B 446 22.46 22.25 -3.77
CA LEU B 446 21.77 22.09 -2.52
C LEU B 446 21.02 23.37 -2.05
N THR B 447 19.71 23.30 -1.94
CA THR B 447 18.95 24.42 -1.44
C THR B 447 18.53 24.23 -0.02
N ILE B 448 18.65 25.28 0.78
CA ILE B 448 18.32 25.26 2.19
C ILE B 448 17.56 26.47 2.69
N PHE B 449 16.60 26.26 3.58
CA PHE B 449 15.96 27.33 4.26
C PHE B 449 16.63 27.53 5.60
N ASP B 450 17.40 28.63 5.67
CA ASP B 450 18.29 28.90 6.82
C ASP B 450 17.51 29.71 7.76
N ASN B 451 16.83 29.04 8.64
CA ASN B 451 15.93 29.76 9.60
C ASN B 451 16.65 30.82 10.39
N GLY B 452 17.80 30.43 10.95
CA GLY B 452 18.76 31.34 11.57
C GLY B 452 18.67 31.54 13.05
N ASP B 453 17.88 30.77 13.75
CA ASP B 453 18.04 30.81 15.20
C ASP B 453 19.40 30.19 15.55
N GLY B 454 19.99 30.73 16.62
CA GLY B 454 21.35 30.42 17.02
C GLY B 454 22.44 30.68 16.02
N ARG B 455 22.16 31.56 15.07
CA ARG B 455 23.17 31.99 14.08
C ARG B 455 24.51 32.32 14.73
N HIS B 456 25.58 31.79 14.18
CA HIS B 456 26.96 31.96 14.73
C HIS B 456 27.14 31.41 16.14
N LEU B 457 26.31 30.44 16.45
CA LEU B 457 26.34 29.70 17.69
C LEU B 457 26.19 30.56 18.88
N GLU B 458 25.47 31.64 18.73
CA GLU B 458 25.03 32.42 19.89
C GLU B 458 23.69 33.09 19.64
N GLN B 459 23.05 33.54 20.72
CA GLN B 459 21.96 34.50 20.67
C GLN B 459 22.53 35.92 20.44
N PRO B 460 21.72 36.80 19.90
CA PRO B 460 22.29 38.09 19.63
C PRO B 460 21.94 39.04 20.76
N ALA B 461 22.41 40.28 20.64
CA ALA B 461 22.18 41.31 21.66
C ALA B 461 20.68 41.56 21.89
N LEU B 462 19.94 41.67 20.78
CA LEU B 462 18.48 41.85 20.76
C LEU B 462 17.76 40.85 19.87
N PRO B 463 16.60 40.39 20.30
CA PRO B 463 15.81 39.34 19.66
C PRO B 463 15.52 39.67 18.22
N THR B 464 15.34 40.93 17.94
CA THR B 464 14.96 41.33 16.60
C THR B 464 16.18 41.51 15.65
N MET B 465 17.37 41.19 16.12
CA MET B 465 18.52 41.15 15.22
C MET B 465 18.67 39.77 14.53
N LYS B 466 17.57 39.11 14.21
CA LYS B 466 17.61 37.77 13.71
C LYS B 466 17.06 37.84 12.31
N TYR B 467 17.63 37.05 11.42
CA TYR B 467 17.08 36.92 10.09
C TYR B 467 17.16 35.46 9.53
N SER B 468 16.36 35.20 8.49
CA SER B 468 16.31 33.92 7.81
C SER B 468 16.85 34.15 6.41
N ARG B 469 17.33 33.09 5.75
CA ARG B 469 17.69 33.20 4.37
C ARG B 469 17.18 32.03 3.56
N PHE B 470 16.85 32.25 2.32
CA PHE B 470 16.88 31.23 1.30
C PHE B 470 18.34 31.21 0.91
N VAL B 471 18.99 30.05 0.91
CA VAL B 471 20.32 29.91 0.46
C VAL B 471 20.60 28.65 -0.38
N GLU B 472 21.53 28.78 -1.34
CA GLU B 472 21.87 27.71 -2.29
C GLU B 472 23.39 27.52 -2.27
N TYR B 473 23.77 26.27 -2.17
CA TYR B 473 25.16 25.88 -2.18
C TYR B 473 25.50 24.96 -3.35
N LYS B 474 26.75 25.04 -3.76
CA LYS B 474 27.30 24.16 -4.77
C LYS B 474 28.39 23.44 -4.07
N ILE B 475 28.32 22.13 -4.09
CA ILE B 475 29.19 21.31 -3.30
C ILE B 475 30.05 20.44 -4.21
N ASP B 476 31.33 20.33 -3.88
CA ASP B 476 32.25 19.45 -4.61
C ASP B 476 32.70 18.42 -3.64
N GLU B 477 32.15 17.22 -3.79
CA GLU B 477 32.36 16.14 -2.84
C GLU B 477 33.79 15.65 -2.88
N LYS B 478 34.34 15.58 -4.08
CA LYS B 478 35.73 15.19 -4.29
C LYS B 478 36.71 16.07 -3.50
N LYS B 479 36.65 17.39 -3.72
CA LYS B 479 37.51 18.33 -2.99
C LYS B 479 37.09 18.58 -1.57
N GLY B 480 35.87 18.25 -1.23
CA GLY B 480 35.36 18.56 0.11
C GLY B 480 35.22 20.04 0.36
N THR B 481 34.76 20.75 -0.66
CA THR B 481 34.51 22.18 -0.62
C THR B 481 33.04 22.53 -0.87
N VAL B 482 32.64 23.68 -0.31
CA VAL B 482 31.32 24.18 -0.49
C VAL B 482 31.35 25.64 -0.85
N GLN B 483 30.54 25.98 -1.83
CA GLN B 483 30.37 27.34 -2.25
C GLN B 483 28.93 27.89 -2.09
N GLN B 484 28.77 29.06 -1.48
CA GLN B 484 27.47 29.76 -1.51
C GLN B 484 27.31 30.46 -2.83
N VAL B 485 26.27 30.14 -3.58
CA VAL B 485 26.09 30.66 -4.91
C VAL B 485 24.85 31.52 -5.08
N TRP B 486 24.08 31.72 -4.02
CA TRP B 486 22.84 32.46 -4.10
C TRP B 486 22.23 32.58 -2.71
N GLU B 487 21.65 33.73 -2.42
CA GLU B 487 20.95 33.91 -1.13
C GLU B 487 19.93 34.98 -1.24
N TYR B 488 19.00 35.03 -0.29
CA TYR B 488 17.99 36.02 -0.28
C TYR B 488 17.41 36.02 1.10
N GLY B 489 17.10 37.23 1.59
CA GLY B 489 16.25 37.46 2.76
C GLY B 489 16.91 38.08 3.95
N LYS B 490 18.20 38.01 4.00
CA LYS B 490 18.96 38.59 5.10
C LYS B 490 18.69 40.08 5.29
N GLU B 491 18.36 40.75 4.19
CA GLU B 491 18.07 42.19 4.23
C GLU B 491 16.63 42.44 4.56
N ARG B 492 15.79 41.43 4.68
CA ARG B 492 14.36 41.73 4.92
C ARG B 492 14.03 41.78 6.37
N GLY B 493 15.01 41.47 7.21
CA GLY B 493 14.88 41.67 8.70
C GLY B 493 13.85 40.78 9.35
N TYR B 494 13.38 41.25 10.51
CA TYR B 494 12.59 40.47 11.42
C TYR B 494 11.23 40.05 10.86
N ASP B 495 10.72 40.82 9.93
CA ASP B 495 9.41 40.50 9.27
C ASP B 495 9.56 39.37 8.22
N PHE B 496 10.76 38.83 8.14
CA PHE B 496 10.99 37.74 7.30
C PHE B 496 11.69 36.62 8.05
N TYR B 497 11.74 36.74 9.35
CA TYR B 497 12.41 35.77 10.18
C TYR B 497 11.40 34.69 10.54
N SER B 498 11.70 33.44 10.14
CA SER B 498 11.02 32.22 10.57
C SER B 498 11.98 31.37 11.39
N PRO B 499 11.86 31.43 12.72
CA PRO B 499 12.66 30.65 13.60
C PRO B 499 12.53 29.13 13.41
N ILE B 500 11.39 28.67 12.90
CA ILE B 500 11.08 27.23 12.73
C ILE B 500 10.39 26.98 11.39
N THR B 501 10.32 25.69 11.06
CA THR B 501 9.59 25.17 9.91
C THR B 501 10.08 25.81 8.68
N SER B 502 9.24 26.00 7.71
CA SER B 502 9.61 26.66 6.47
C SER B 502 10.26 25.76 5.46
N ILE B 503 10.42 26.29 4.25
CA ILE B 503 10.87 25.53 3.10
C ILE B 503 11.27 26.44 1.93
N ILE B 504 12.22 25.99 1.12
CA ILE B 504 12.34 26.55 -0.20
C ILE B 504 12.52 25.45 -1.19
N GLU B 505 12.31 25.81 -2.45
CA GLU B 505 12.52 24.93 -3.56
C GLU B 505 12.69 25.68 -4.91
N TYR B 506 13.76 25.37 -5.63
CA TYR B 506 13.94 25.98 -6.91
C TYR B 506 12.93 25.49 -7.93
N GLN B 507 12.36 26.45 -8.65
CA GLN B 507 11.42 26.22 -9.72
C GLN B 507 12.03 26.57 -11.12
N ALA B 508 12.55 25.59 -11.82
CA ALA B 508 13.06 25.76 -13.23
C ALA B 508 12.08 26.31 -14.24
N ASP B 509 10.79 26.08 -14.08
CA ASP B 509 9.87 26.49 -15.10
C ASP B 509 9.93 27.99 -15.36
N ARG B 510 9.95 28.80 -14.32
CA ARG B 510 9.89 30.24 -14.47
C ARG B 510 11.09 30.85 -13.81
N ASN B 511 12.06 30.00 -13.54
CA ASN B 511 13.31 30.38 -12.96
C ASN B 511 13.16 31.24 -11.73
N THR B 512 12.45 30.67 -10.74
CA THR B 512 12.20 31.31 -9.44
C THR B 512 12.61 30.42 -8.29
N MET B 513 12.81 31.05 -7.15
CA MET B 513 13.07 30.37 -5.91
C MET B 513 11.75 30.50 -5.14
N PHE B 514 11.09 29.37 -4.94
CA PHE B 514 9.85 29.33 -4.15
C PHE B 514 10.20 29.25 -2.72
N GLY B 515 9.39 29.90 -1.86
CA GLY B 515 9.67 29.91 -0.44
C GLY B 515 8.39 29.96 0.38
N PHE B 516 8.44 29.39 1.58
CA PHE B 516 7.39 29.60 2.51
C PHE B 516 7.95 29.72 3.88
N GLY B 517 7.79 30.91 4.47
CA GLY B 517 8.30 31.21 5.82
C GLY B 517 7.16 30.93 6.77
N GLY B 518 7.33 29.93 7.64
CA GLY B 518 6.15 29.43 8.31
C GLY B 518 5.78 30.05 9.61
N SER B 519 6.75 30.78 10.19
CA SER B 519 6.67 31.16 11.59
C SER B 519 6.98 32.66 11.84
N ILE B 520 6.71 33.52 10.87
CA ILE B 520 6.97 34.96 10.96
C ILE B 520 6.03 35.55 12.02
N HIS B 521 6.61 36.26 12.95
CA HIS B 521 5.95 36.85 14.11
C HIS B 521 5.49 35.91 15.16
N LEU B 522 6.08 34.70 15.23
CA LEU B 522 5.61 33.68 16.15
C LEU B 522 5.57 34.22 17.54
N PHE B 523 6.54 35.03 17.90
CA PHE B 523 6.68 35.51 19.26
C PHE B 523 5.89 36.77 19.59
N ASP B 524 5.20 37.35 18.64
CA ASP B 524 4.33 38.48 18.88
C ASP B 524 3.09 38.00 19.64
N VAL B 525 3.20 37.96 20.95
CA VAL B 525 2.17 37.36 21.78
C VAL B 525 0.83 37.96 21.44
N GLY B 526 -0.15 37.13 21.05
CA GLY B 526 -1.53 37.59 20.82
C GLY B 526 -1.83 37.95 19.40
N GLN B 527 -0.85 37.81 18.53
CA GLN B 527 -1.05 38.08 17.12
C GLN B 527 -1.02 36.80 16.29
N PRO B 528 -1.73 36.80 15.15
CA PRO B 528 -1.68 35.68 14.29
C PRO B 528 -0.27 35.50 13.79
N THR B 529 0.06 34.26 13.46
CA THR B 529 1.38 33.96 12.93
C THR B 529 1.30 34.02 11.43
N VAL B 530 2.37 34.53 10.80
CA VAL B 530 2.32 34.73 9.37
C VAL B 530 3.02 33.65 8.62
N GLY B 531 2.38 33.11 7.59
CA GLY B 531 3.08 32.26 6.66
C GLY B 531 3.17 32.95 5.33
N LYS B 532 4.41 33.14 4.86
CA LYS B 532 4.64 33.93 3.70
C LYS B 532 5.11 33.12 2.53
N LEU B 533 4.23 33.00 1.56
CA LEU B 533 4.54 32.38 0.28
C LEU B 533 5.22 33.38 -0.63
N ASN B 534 6.39 33.01 -1.14
CA ASN B 534 7.13 33.82 -2.03
C ASN B 534 7.64 33.02 -3.24
N GLU B 535 7.61 33.69 -4.38
CA GLU B 535 8.46 33.33 -5.55
C GLU B 535 9.32 34.54 -5.89
N ILE B 536 10.62 34.31 -5.86
CA ILE B 536 11.64 35.30 -5.99
C ILE B 536 12.37 34.98 -7.29
N ASP B 537 12.57 35.98 -8.17
CA ASP B 537 13.17 35.70 -9.44
C ASP B 537 14.62 35.34 -9.16
N TYR B 538 15.07 34.26 -9.73
CA TYR B 538 16.41 33.81 -9.47
C TYR B 538 17.49 34.80 -9.95
N LYS B 539 17.28 35.39 -11.12
CA LYS B 539 18.29 36.29 -11.74
C LYS B 539 18.36 37.66 -11.05
N THR B 540 17.23 38.26 -10.77
CA THR B 540 17.12 39.65 -10.36
C THR B 540 16.70 39.87 -8.93
N LYS B 541 16.38 38.79 -8.23
CA LYS B 541 15.86 38.84 -6.88
C LYS B 541 14.56 39.63 -6.71
N GLU B 542 13.88 39.90 -7.81
CA GLU B 542 12.63 40.62 -7.79
C GLU B 542 11.54 39.68 -7.28
N VAL B 543 10.70 40.20 -6.41
CA VAL B 543 9.56 39.48 -5.89
C VAL B 543 8.54 39.30 -6.95
N LYS B 544 8.36 38.07 -7.42
CA LYS B 544 7.27 37.77 -8.36
C LYS B 544 5.91 37.48 -7.69
N VAL B 545 5.94 36.80 -6.55
CA VAL B 545 4.72 36.42 -5.82
C VAL B 545 5.00 36.61 -4.37
N GLU B 546 4.04 37.17 -3.67
CA GLU B 546 4.12 37.24 -2.22
C GLU B 546 2.69 37.20 -1.74
N ILE B 547 2.38 36.16 -0.92
CA ILE B 547 1.07 35.98 -0.35
C ILE B 547 1.24 35.56 1.10
N ASP B 548 0.52 36.22 1.98
CA ASP B 548 0.60 35.97 3.39
C ASP B 548 -0.62 35.22 3.80
N VAL B 549 -0.42 34.24 4.67
CA VAL B 549 -1.50 33.47 5.28
C VAL B 549 -1.38 33.67 6.75
N LEU B 550 -2.51 34.00 7.41
CA LEU B 550 -2.49 34.29 8.82
C LEU B 550 -3.19 33.20 9.61
N SER B 551 -2.57 32.79 10.72
CA SER B 551 -3.07 31.72 11.51
C SER B 551 -4.48 32.01 12.07
N ASP B 552 -5.32 30.98 12.27
CA ASP B 552 -6.68 31.22 12.85
C ASP B 552 -6.71 31.40 14.37
N LYS B 553 -5.60 31.12 14.99
CA LYS B 553 -5.37 31.44 16.41
C LYS B 553 -3.94 32.04 16.56
N PRO B 554 -3.74 32.84 17.58
CA PRO B 554 -2.45 33.50 17.79
C PRO B 554 -1.35 32.55 18.04
N ASN B 555 -0.15 32.89 17.56
CA ASN B 555 1.05 32.18 17.96
C ASN B 555 0.93 30.68 17.71
N GLN B 556 0.66 30.37 16.45
CA GLN B 556 0.30 29.06 15.92
C GLN B 556 1.09 28.91 14.60
N THR B 557 2.18 28.19 14.62
CA THR B 557 3.11 28.15 13.45
C THR B 557 2.44 27.40 12.33
N HIS B 558 2.86 27.68 11.10
CA HIS B 558 2.52 26.91 9.92
C HIS B 558 3.69 25.97 9.71
N TYR B 559 3.54 24.98 8.85
CA TYR B 559 4.63 24.09 8.62
C TYR B 559 5.34 24.36 7.33
N ARG B 560 4.71 23.96 6.23
CA ARG B 560 5.25 24.08 4.90
C ARG B 560 4.17 24.43 3.92
N ALA B 561 4.58 24.67 2.70
CA ALA B 561 3.70 24.84 1.58
C ALA B 561 4.43 24.24 0.37
N LEU B 562 3.67 23.90 -0.69
CA LEU B 562 4.19 23.37 -1.95
C LEU B 562 3.52 24.10 -3.08
N LEU B 563 4.26 24.22 -4.17
CA LEU B 563 3.77 24.80 -5.37
C LEU B 563 3.23 23.62 -6.10
N VAL B 564 1.94 23.61 -6.39
CA VAL B 564 1.38 22.48 -7.01
C VAL B 564 0.97 22.77 -8.44
N ARG B 565 1.04 21.76 -9.30
CA ARG B 565 0.71 21.92 -10.75
C ARG B 565 -0.39 20.97 -11.25
N PRO B 566 -1.60 21.48 -11.50
CA PRO B 566 -2.75 20.70 -11.90
C PRO B 566 -2.49 19.82 -13.06
N GLN B 567 -1.63 20.25 -13.96
CA GLN B 567 -1.32 19.42 -15.13
C GLN B 567 -0.59 18.12 -14.75
N GLN B 568 -0.19 17.98 -13.49
CA GLN B 568 0.56 16.79 -13.06
C GLN B 568 -0.27 15.91 -12.14
N MET B 569 -1.43 16.42 -11.71
CA MET B 569 -2.19 15.82 -10.70
C MET B 569 -2.86 14.54 -11.13
N PHE B 570 -3.19 14.43 -12.39
CA PHE B 570 -4.03 13.39 -12.89
C PHE B 570 -3.44 12.77 -14.11
N LYS B 571 -2.36 12.06 -13.89
CA LYS B 571 -1.66 11.37 -14.97
C LYS B 571 -2.60 10.33 -15.61
O6 4NS C . -17.79 -22.28 -3.26
N 4NS C . -18.44 -22.31 -4.31
O5 4NS C . -19.85 -22.45 -4.39
C4 4NS C . -17.72 -22.09 -5.47
C5 4NS C . -16.46 -21.59 -5.34
C6 4NS C . -15.74 -21.32 -6.47
C3 4NS C . -18.36 -22.28 -6.65
C2 4NS C . -17.63 -22.04 -7.79
C1 4NS C . -16.34 -21.56 -7.68
O1 4NS C . -15.71 -21.27 -8.83
S 4NS C . -14.42 -21.96 -9.27
O2 4NS C . -13.79 -21.41 -10.44
O3 4NS C . -13.52 -21.95 -8.20
O4 4NS C . -14.88 -23.40 -9.76
S SO4 D . 22.88 -11.29 7.13
O1 SO4 D . 21.83 -11.12 8.19
O2 SO4 D . 23.75 -10.09 7.12
O3 SO4 D . 23.66 -12.48 7.56
O4 SO4 D . 22.32 -11.41 5.74
O6 4NS E . 6.26 24.25 17.72
N 4NS E . 6.05 23.64 16.65
O5 4NS E . 4.71 23.34 16.24
C4 4NS E . 7.15 23.19 15.90
C5 4NS E . 8.43 23.42 16.45
C6 4NS E . 9.55 22.99 15.80
C3 4NS E . 6.95 22.53 14.70
C2 4NS E . 8.10 22.11 14.05
C1 4NS E . 9.37 22.37 14.60
O1 4NS E . 10.49 21.90 14.05
S 4NS E . 11.02 22.38 12.69
O2 4NS E . 12.12 21.59 12.14
O3 4NS E . 9.97 22.21 11.70
O4 4NS E . 11.64 23.88 12.95
S SO4 F . 5.19 27.49 -17.74
O1 SO4 F . 4.91 26.83 -16.50
O2 SO4 F . 5.60 28.88 -17.55
O3 SO4 F . 6.26 26.63 -18.24
O4 SO4 F . 4.01 27.56 -18.60
S SO4 G . -5.72 9.66 -23.80
O1 SO4 G . -5.77 8.29 -24.42
O2 SO4 G . -6.81 9.57 -22.77
O3 SO4 G . -4.40 9.94 -23.25
O4 SO4 G . -5.99 10.77 -24.74
#